data_4AV5
#
_entry.id   4AV5
#
_cell.length_a   50.750
_cell.length_b   51.520
_cell.length_c   67.830
_cell.angle_alpha   100.32
_cell.angle_beta   93.17
_cell.angle_gamma   116.56
#
_symmetry.space_group_name_H-M   'P 1'
#
loop_
_entity.id
_entity.type
_entity.pdbx_description
1 polymer FIMH
2 non-polymer (2R,3S,4S,5S,6S)-2-(hydroxymethyl)-6-[3-(4-phenylphenyl)prop-2-ynoxy]oxane-3,4,5-triol
3 non-polymer 'SULFATE ION'
4 water water
#
_entity_poly.entity_id   1
_entity_poly.type   'polypeptide(L)'
_entity_poly.pdbx_seq_one_letter_code
;FACKTANGTAIPIGGGSANVYVNLAPVVNVGQNLVVDLSTQIFCHNDYPETITDYVTLQRGSAYGGVLSNFSGTVKYSGS
SYPFPTTSETPRVVYNSRTDKPWPVALYLTPVSSAGGVAIKAGSLIAVLILRQTNNYNSDDFQFVWNIYANNDVVVPT
;
_entity_poly.pdbx_strand_id   A,B,C,D
#
loop_
_chem_comp.id
_chem_comp.type
_chem_comp.name
_chem_comp.formula
FYZ non-polymer (2R,3S,4S,5S,6S)-2-(hydroxymethyl)-6-[3-(4-phenylphenyl)prop-2-ynoxy]oxane-3,4,5-triol 'C21 H22 O6'
SO4 non-polymer 'SULFATE ION' 'O4 S -2'
#
# COMPACT_ATOMS: atom_id res chain seq x y z
N PHE A 1 32.46 1.60 -1.52
CA PHE A 1 31.24 1.47 -2.35
C PHE A 1 30.51 2.79 -2.38
N ALA A 2 30.21 3.25 -3.58
CA ALA A 2 29.52 4.51 -3.76
C ALA A 2 28.74 4.46 -5.05
N CYS A 3 27.79 5.38 -5.19
CA CYS A 3 26.88 5.38 -6.34
C CYS A 3 26.68 6.75 -6.87
N LYS A 4 26.18 6.84 -8.08
CA LYS A 4 25.88 8.14 -8.68
C LYS A 4 24.91 8.02 -9.82
N THR A 5 24.33 9.16 -10.19
CA THR A 5 23.78 9.31 -11.52
C THR A 5 24.89 9.99 -12.33
N ALA A 6 24.89 9.79 -13.64
CA ALA A 6 26.06 10.17 -14.43
C ALA A 6 26.18 11.67 -14.66
N ASN A 7 25.16 12.45 -14.28
CA ASN A 7 25.32 13.91 -14.30
C ASN A 7 26.14 14.38 -13.10
N GLY A 8 26.56 13.46 -12.24
CA GLY A 8 27.50 13.81 -11.19
C GLY A 8 26.87 13.74 -9.80
N THR A 9 25.56 13.56 -9.73
CA THR A 9 24.88 13.47 -8.43
C THR A 9 25.28 12.18 -7.72
N ALA A 10 26.02 12.31 -6.62
CA ALA A 10 26.58 11.16 -5.95
C ALA A 10 26.01 10.89 -4.56
N ILE A 11 26.02 9.63 -4.17
CA ILE A 11 25.87 9.22 -2.78
C ILE A 11 27.17 8.51 -2.43
N PRO A 12 27.91 9.05 -1.46
CA PRO A 12 29.26 8.55 -1.18
C PRO A 12 29.26 7.35 -0.25
N ILE A 13 30.47 6.84 0.01
CA ILE A 13 30.67 5.80 1.00
C ILE A 13 29.87 6.11 2.25
N GLY A 14 29.17 5.12 2.78
CA GLY A 14 28.37 5.30 3.98
C GLY A 14 26.91 5.55 3.69
N GLY A 15 26.55 5.77 2.44
CA GLY A 15 25.15 5.95 2.09
C GLY A 15 24.68 7.38 2.24
N GLY A 16 23.36 7.56 2.12
CA GLY A 16 22.77 8.87 2.06
C GLY A 16 21.59 8.84 1.11
N SER A 17 21.22 10.01 0.62
CA SER A 17 20.06 10.14 -0.25
CA SER A 17 20.07 10.13 -0.25
C SER A 17 20.41 11.00 -1.45
N ALA A 18 19.74 10.74 -2.57
CA ALA A 18 19.90 11.58 -3.76
C ALA A 18 18.62 11.60 -4.57
N ASN A 19 18.46 12.62 -5.38
CA ASN A 19 17.29 12.73 -6.24
C ASN A 19 17.66 12.30 -7.66
N VAL A 20 16.72 11.63 -8.33
CA VAL A 20 16.88 11.19 -9.70
C VAL A 20 15.66 11.67 -10.49
N TYR A 21 15.90 12.39 -11.59
CA TYR A 21 14.83 12.89 -12.46
CA TYR A 21 14.81 12.84 -12.44
C TYR A 21 14.77 11.96 -13.66
N VAL A 22 13.60 11.36 -13.91
CA VAL A 22 13.49 10.38 -14.97
CA VAL A 22 13.46 10.36 -14.96
C VAL A 22 12.55 10.87 -16.06
N ASN A 23 12.96 10.64 -17.30
CA ASN A 23 12.11 10.89 -18.43
C ASN A 23 11.19 9.74 -18.56
N LEU A 24 9.94 10.05 -18.76
CA LEU A 24 8.87 9.05 -18.78
C LEU A 24 8.17 9.10 -20.11
N ALA A 25 7.76 7.93 -20.62
CA ALA A 25 6.99 7.90 -21.85
C ALA A 25 5.80 8.85 -21.69
N PRO A 26 5.60 9.78 -22.65
CA PRO A 26 4.58 10.79 -22.41
C PRO A 26 3.16 10.29 -22.60
N VAL A 27 3.00 9.14 -23.27
CA VAL A 27 1.69 8.53 -23.45
C VAL A 27 1.81 7.06 -23.11
N VAL A 28 0.94 6.59 -22.22
CA VAL A 28 0.90 5.17 -21.84
C VAL A 28 -0.54 4.70 -21.97
N ASN A 29 -0.73 3.65 -22.76
CA ASN A 29 -2.06 3.11 -22.99
C ASN A 29 -2.52 2.21 -21.84
N VAL A 30 -3.81 2.20 -21.57
CA VAL A 30 -4.37 1.22 -20.65
CA VAL A 30 -4.36 1.22 -20.64
C VAL A 30 -4.04 -0.16 -21.20
N GLY A 31 -3.69 -1.08 -20.31
CA GLY A 31 -3.28 -2.40 -20.69
C GLY A 31 -1.79 -2.58 -20.91
N GLN A 32 -1.05 -1.47 -21.01
CA GLN A 32 0.38 -1.51 -21.28
C GLN A 32 1.16 -0.94 -20.11
N ASN A 33 2.48 -1.12 -20.14
CA ASN A 33 3.32 -0.67 -19.04
C ASN A 33 4.11 0.60 -19.34
N LEU A 34 4.15 1.46 -18.33
CA LEU A 34 5.14 2.51 -18.21
C LEU A 34 6.34 1.84 -17.56
N VAL A 35 7.51 1.93 -18.20
CA VAL A 35 8.70 1.28 -17.69
C VAL A 35 9.65 2.36 -17.17
N VAL A 36 9.91 2.35 -15.88
CA VAL A 36 10.81 3.33 -15.27
C VAL A 36 12.07 2.56 -14.98
N ASP A 37 13.03 2.64 -15.89
CA ASP A 37 14.20 1.81 -15.85
C ASP A 37 15.35 2.57 -15.20
N LEU A 38 15.56 2.35 -13.93
CA LEU A 38 16.58 3.10 -13.22
C LEU A 38 17.98 2.55 -13.51
N SER A 39 18.06 1.39 -14.14
CA SER A 39 19.35 0.85 -14.52
CA SER A 39 19.34 0.82 -14.54
C SER A 39 20.05 1.68 -15.59
N THR A 40 19.30 2.57 -16.24
CA THR A 40 19.90 3.44 -17.23
C THR A 40 20.39 4.72 -16.59
N GLN A 41 20.14 4.91 -15.28
CA GLN A 41 20.56 6.14 -14.61
C GLN A 41 21.33 6.01 -13.30
N ILE A 42 21.23 4.90 -12.59
CA ILE A 42 21.85 4.76 -11.28
C ILE A 42 22.94 3.71 -11.39
N PHE A 43 24.17 4.09 -11.01
CA PHE A 43 25.38 3.30 -11.20
C PHE A 43 26.15 3.26 -9.90
N CYS A 44 26.80 2.13 -9.65
CA CYS A 44 27.53 1.94 -8.41
CA CYS A 44 27.54 1.94 -8.41
C CYS A 44 28.80 1.15 -8.66
N HIS A 45 29.76 1.27 -7.75
CA HIS A 45 31.00 0.51 -7.86
C HIS A 45 31.55 0.13 -6.50
N ASN A 46 32.44 -0.85 -6.54
CA ASN A 46 33.20 -1.31 -5.37
C ASN A 46 34.52 -0.56 -5.34
N ASP A 47 34.88 0.03 -4.20
CA ASP A 47 36.08 0.84 -4.10
C ASP A 47 37.36 0.04 -3.84
N TYR A 48 37.25 -1.20 -3.39
CA TYR A 48 38.41 -2.03 -3.04
C TYR A 48 38.15 -3.47 -3.38
N PRO A 49 37.90 -3.76 -4.66
CA PRO A 49 37.44 -5.10 -5.07
C PRO A 49 38.49 -6.21 -4.88
N GLU A 50 39.75 -5.86 -4.78
CA GLU A 50 40.82 -6.85 -4.55
C GLU A 50 40.78 -7.42 -3.12
N THR A 51 40.13 -6.70 -2.21
CA THR A 51 40.07 -7.11 -0.82
C THR A 51 38.65 -7.39 -0.32
N ILE A 52 37.68 -6.67 -0.87
CA ILE A 52 36.31 -6.70 -0.36
C ILE A 52 35.35 -6.98 -1.49
N THR A 53 34.33 -7.78 -1.22
CA THR A 53 33.22 -7.96 -2.15
C THR A 53 32.00 -7.25 -1.54
N ASP A 54 31.30 -6.45 -2.36
CA ASP A 54 30.10 -5.73 -1.94
C ASP A 54 28.85 -6.45 -2.41
N TYR A 55 27.83 -6.40 -1.55
CA TYR A 55 26.55 -7.05 -1.80
C TYR A 55 25.46 -5.99 -1.75
N VAL A 56 24.59 -5.99 -2.75
CA VAL A 56 23.64 -4.91 -2.96
C VAL A 56 22.26 -5.45 -3.22
N THR A 57 21.29 -5.04 -2.39
CA THR A 57 19.91 -5.41 -2.62
C THR A 57 19.02 -4.20 -2.86
N LEU A 58 17.84 -4.46 -3.41
CA LEU A 58 16.73 -3.54 -3.29
C LEU A 58 16.04 -3.87 -1.97
N GLN A 59 16.24 -3.00 -0.99
CA GLN A 59 15.68 -3.19 0.33
C GLN A 59 14.23 -2.77 0.42
N ARG A 60 13.83 -1.70 -0.27
CA ARG A 60 12.53 -1.09 -0.09
C ARG A 60 12.22 -0.30 -1.36
N GLY A 61 10.98 -0.42 -1.85
CA GLY A 61 10.48 0.41 -2.92
C GLY A 61 9.02 0.78 -2.69
N SER A 62 8.64 2.03 -2.91
CA SER A 62 7.26 2.45 -2.77
C SER A 62 7.01 3.58 -3.75
N ALA A 63 5.73 3.78 -4.06
CA ALA A 63 5.28 4.78 -5.01
C ALA A 63 4.59 5.96 -4.31
N TYR A 64 4.56 7.08 -5.03
CA TYR A 64 3.97 8.33 -4.54
C TYR A 64 3.20 9.00 -5.66
N GLY A 65 2.40 9.97 -5.26
CA GLY A 65 1.71 10.85 -6.18
C GLY A 65 0.88 10.11 -7.20
N GLY A 66 1.02 10.51 -8.46
CA GLY A 66 0.23 9.93 -9.53
C GLY A 66 0.58 8.49 -9.82
N VAL A 67 1.80 8.06 -9.53
CA VAL A 67 2.12 6.64 -9.69
C VAL A 67 1.31 5.82 -8.70
N LEU A 68 1.23 6.27 -7.46
CA LEU A 68 0.49 5.57 -6.45
CA LEU A 68 0.48 5.58 -6.44
C LEU A 68 -1.01 5.56 -6.76
N SER A 69 -1.54 6.67 -7.25
CA SER A 69 -2.98 6.77 -7.44
C SER A 69 -3.45 6.20 -8.76
N ASN A 70 -2.65 6.28 -9.82
CA ASN A 70 -3.15 5.98 -11.15
C ASN A 70 -2.56 4.74 -11.81
N PHE A 71 -1.63 4.06 -11.15
CA PHE A 71 -0.96 2.89 -11.69
C PHE A 71 -0.91 1.77 -10.66
N SER A 72 -0.80 0.55 -11.14
CA SER A 72 -0.43 -0.54 -10.25
C SER A 72 0.73 -1.24 -10.91
N GLY A 73 1.58 -1.84 -10.13
CA GLY A 73 2.88 -2.18 -10.63
C GLY A 73 3.62 -3.29 -9.94
N THR A 74 4.71 -3.66 -10.57
CA THR A 74 5.72 -4.53 -10.02
C THR A 74 7.09 -3.87 -10.22
N VAL A 75 8.09 -4.40 -9.52
CA VAL A 75 9.47 -4.01 -9.71
C VAL A 75 10.28 -5.20 -10.12
N LYS A 76 11.11 -5.04 -11.14
CA LYS A 76 12.08 -6.05 -11.51
C LYS A 76 13.45 -5.70 -10.97
N TYR A 77 14.07 -6.66 -10.29
CA TYR A 77 15.42 -6.51 -9.81
C TYR A 77 16.24 -7.66 -10.32
N SER A 78 17.29 -7.34 -11.08
CA SER A 78 18.24 -8.36 -11.51
C SER A 78 17.53 -9.59 -12.07
N GLY A 79 16.58 -9.34 -12.94
CA GLY A 79 15.99 -10.40 -13.75
C GLY A 79 14.75 -11.06 -13.18
N SER A 80 14.26 -10.57 -12.05
CA SER A 80 13.10 -11.18 -11.39
C SER A 80 12.10 -10.13 -10.92
N SER A 81 10.84 -10.51 -10.86
CA SER A 81 9.75 -9.63 -10.50
C SER A 81 9.39 -9.75 -9.02
N TYR A 82 9.03 -8.61 -8.44
CA TYR A 82 8.59 -8.51 -7.06
C TYR A 82 7.43 -7.53 -6.99
N PRO A 83 6.56 -7.72 -5.98
CA PRO A 83 5.47 -6.78 -5.77
C PRO A 83 6.00 -5.37 -5.49
N PHE A 84 5.18 -4.38 -5.85
CA PHE A 84 5.50 -2.99 -5.60
C PHE A 84 4.21 -2.36 -5.09
N PRO A 85 4.23 -1.77 -3.88
CA PRO A 85 5.39 -1.62 -3.01
C PRO A 85 5.97 -2.95 -2.58
N THR A 86 7.24 -2.92 -2.26
CA THR A 86 7.99 -4.15 -2.00
C THR A 86 7.60 -4.71 -0.66
N THR A 87 7.77 -6.02 -0.49
CA THR A 87 7.54 -6.69 0.77
C THR A 87 8.92 -7.19 1.25
N SER A 88 9.39 -8.30 0.71
CA SER A 88 10.68 -8.89 1.10
C SER A 88 11.86 -8.14 0.52
N GLU A 89 13.05 -8.37 1.07
CA GLU A 89 14.29 -7.86 0.47
C GLU A 89 14.59 -8.77 -0.71
N THR A 90 15.16 -8.22 -1.77
CA THR A 90 15.57 -9.03 -2.91
C THR A 90 16.86 -9.81 -2.66
N PRO A 91 17.17 -10.76 -3.56
CA PRO A 91 18.50 -11.35 -3.56
C PRO A 91 19.57 -10.27 -3.77
N ARG A 92 20.80 -10.59 -3.38
CA ARG A 92 21.90 -9.66 -3.50
CA ARG A 92 21.92 -9.66 -3.47
C ARG A 92 22.53 -9.72 -4.89
N VAL A 93 23.00 -8.57 -5.36
CA VAL A 93 23.81 -8.47 -6.55
C VAL A 93 25.22 -8.16 -6.06
N VAL A 94 26.21 -8.85 -6.62
CA VAL A 94 27.60 -8.64 -6.23
C VAL A 94 28.23 -7.52 -7.03
N TYR A 95 28.89 -6.61 -6.34
CA TYR A 95 29.68 -5.58 -7.00
C TYR A 95 31.14 -5.85 -6.68
N ASN A 96 31.94 -6.04 -7.72
CA ASN A 96 33.32 -6.50 -7.59
C ASN A 96 34.27 -5.79 -8.55
N SER A 97 33.95 -4.56 -8.90
CA SER A 97 34.78 -3.79 -9.83
C SER A 97 34.70 -2.32 -9.48
N ARG A 98 35.79 -1.60 -9.75
CA ARG A 98 35.81 -0.17 -9.59
C ARG A 98 35.03 0.51 -10.72
N THR A 99 34.84 -0.19 -11.83
CA THR A 99 34.06 0.34 -12.94
C THR A 99 32.59 0.27 -12.57
N ASP A 100 31.92 1.41 -12.62
CA ASP A 100 30.50 1.48 -12.35
C ASP A 100 29.69 0.48 -13.17
N LYS A 101 28.71 -0.14 -12.53
CA LYS A 101 27.75 -0.97 -13.24
C LYS A 101 26.36 -0.55 -12.74
N PRO A 102 25.34 -0.69 -13.58
CA PRO A 102 24.00 -0.24 -13.21
C PRO A 102 23.46 -0.95 -11.99
N TRP A 103 22.59 -0.25 -11.28
CA TRP A 103 21.77 -0.86 -10.26
C TRP A 103 20.56 -1.39 -11.01
N PRO A 104 20.35 -2.71 -11.03
CA PRO A 104 19.43 -3.32 -11.99
C PRO A 104 17.96 -3.33 -11.53
N VAL A 105 17.37 -2.13 -11.40
CA VAL A 105 16.03 -1.93 -10.93
C VAL A 105 15.18 -1.27 -12.01
N ALA A 106 13.99 -1.80 -12.26
CA ALA A 106 13.04 -1.14 -13.14
C ALA A 106 11.64 -1.33 -12.64
N LEU A 107 10.82 -0.30 -12.74
CA LEU A 107 9.39 -0.38 -12.37
C LEU A 107 8.57 -0.63 -13.63
N TYR A 108 7.57 -1.49 -13.48
CA TYR A 108 6.62 -1.80 -14.56
C TYR A 108 5.23 -1.44 -14.05
N LEU A 109 4.70 -0.35 -14.58
CA LEU A 109 3.53 0.32 -14.05
C LEU A 109 2.44 0.40 -15.10
N THR A 110 1.27 -0.15 -14.79
CA THR A 110 0.19 -0.12 -15.77
CA THR A 110 0.16 -0.19 -15.75
C THR A 110 -0.98 0.70 -15.23
N PRO A 111 -1.62 1.49 -16.10
CA PRO A 111 -2.69 2.35 -15.58
C PRO A 111 -3.84 1.58 -14.96
N VAL A 112 -4.38 2.12 -13.88
CA VAL A 112 -5.56 1.51 -13.26
C VAL A 112 -6.75 1.81 -14.15
N SER A 113 -7.81 1.02 -13.98
CA SER A 113 -8.96 1.12 -14.87
C SER A 113 -9.56 2.53 -14.92
N SER A 114 -9.49 3.26 -13.82
CA SER A 114 -10.09 4.60 -13.81
C SER A 114 -9.13 5.70 -14.30
N ALA A 115 -7.90 5.34 -14.67
CA ALA A 115 -6.92 6.34 -15.10
C ALA A 115 -7.23 6.91 -16.49
N GLY A 116 -6.98 8.20 -16.66
CA GLY A 116 -7.19 8.84 -17.95
C GLY A 116 -6.76 10.29 -17.80
N GLY A 117 -6.16 10.84 -18.86
CA GLY A 117 -5.67 12.20 -18.78
C GLY A 117 -4.27 12.24 -18.19
N VAL A 118 -3.89 13.35 -17.58
CA VAL A 118 -2.55 13.51 -17.00
C VAL A 118 -2.46 12.71 -15.70
N ALA A 119 -1.80 11.59 -15.81
CA ALA A 119 -1.74 10.59 -14.73
C ALA A 119 -0.51 10.75 -13.85
N ILE A 120 0.56 11.34 -14.39
CA ILE A 120 1.76 11.67 -13.61
C ILE A 120 2.15 13.08 -14.03
N LYS A 121 2.37 13.94 -13.05
CA LYS A 121 2.72 15.34 -13.30
C LYS A 121 4.24 15.57 -13.23
N ALA A 122 4.72 16.41 -14.16
CA ALA A 122 6.12 16.82 -14.16
C ALA A 122 6.49 17.39 -12.81
N GLY A 123 7.64 16.99 -12.29
CA GLY A 123 8.14 17.50 -11.05
C GLY A 123 7.74 16.73 -9.81
N SER A 124 6.75 15.85 -9.94
CA SER A 124 6.24 15.14 -8.79
C SER A 124 7.14 13.98 -8.36
N LEU A 125 7.18 13.74 -7.06
CA LEU A 125 7.80 12.53 -6.51
C LEU A 125 6.96 11.34 -6.94
N ILE A 126 7.60 10.36 -7.56
CA ILE A 126 6.89 9.17 -8.03
C ILE A 126 7.27 7.91 -7.29
N ALA A 127 8.45 7.86 -6.69
CA ALA A 127 8.91 6.65 -6.04
C ALA A 127 10.07 6.94 -5.12
N VAL A 128 10.25 6.09 -4.12
CA VAL A 128 11.48 6.06 -3.34
C VAL A 128 11.99 4.63 -3.36
N LEU A 129 13.23 4.46 -3.81
CA LEU A 129 13.86 3.14 -3.93
C LEU A 129 15.12 3.12 -3.11
N ILE A 130 15.23 2.15 -2.21
CA ILE A 130 16.35 2.07 -1.29
C ILE A 130 17.24 0.88 -1.59
N LEU A 131 18.51 1.18 -1.83
CA LEU A 131 19.59 0.23 -2.06
C LEU A 131 20.29 -0.02 -0.73
N ARG A 132 20.41 -1.28 -0.35
CA ARG A 132 21.15 -1.65 0.86
C ARG A 132 22.44 -2.32 0.49
N GLN A 133 23.55 -1.82 1.03
CA GLN A 133 24.88 -2.34 0.73
C GLN A 133 25.56 -2.88 1.97
N THR A 134 26.04 -4.11 1.85
CA THR A 134 26.84 -4.77 2.87
C THR A 134 28.08 -5.31 2.16
N ASN A 135 28.93 -6.05 2.87
CA ASN A 135 30.12 -6.59 2.25
C ASN A 135 30.53 -7.86 3.01
N ASN A 136 31.65 -8.44 2.58
CA ASN A 136 32.18 -9.67 3.20
C ASN A 136 33.39 -9.38 4.07
N TYR A 137 33.54 -8.15 4.53
CA TYR A 137 34.73 -7.70 5.28
C TYR A 137 34.42 -7.26 6.70
N ASN A 138 33.40 -6.42 6.86
CA ASN A 138 33.08 -5.88 8.17
C ASN A 138 31.55 -5.77 8.33
N SER A 139 31.11 -4.94 9.26
CA SER A 139 29.69 -4.88 9.62
CA SER A 139 29.69 -4.89 9.62
C SER A 139 28.92 -3.79 8.88
N ASP A 140 29.58 -3.13 7.93
CA ASP A 140 28.97 -2.04 7.17
C ASP A 140 27.62 -2.46 6.64
N ASP A 141 26.64 -1.59 6.81
CA ASP A 141 25.27 -1.88 6.41
C ASP A 141 24.69 -0.53 6.10
N PHE A 142 24.77 -0.12 4.83
CA PHE A 142 24.48 1.25 4.47
C PHE A 142 23.28 1.35 3.53
N GLN A 143 22.48 2.40 3.68
CA GLN A 143 21.34 2.69 2.82
C GLN A 143 21.62 3.80 1.87
N PHE A 144 21.32 3.56 0.59
CA PHE A 144 21.40 4.54 -0.45
C PHE A 144 19.98 4.78 -0.93
N VAL A 145 19.45 5.95 -0.61
CA VAL A 145 18.04 6.25 -0.81
C VAL A 145 17.89 7.10 -2.05
N TRP A 146 17.15 6.58 -3.02
CA TRP A 146 16.96 7.23 -4.31
C TRP A 146 15.53 7.74 -4.41
N ASN A 147 15.40 9.06 -4.41
CA ASN A 147 14.12 9.74 -4.52
C ASN A 147 13.90 10.05 -5.99
N ILE A 148 12.84 9.46 -6.55
CA ILE A 148 12.63 9.47 -7.99
C ILE A 148 11.52 10.46 -8.35
N TYR A 149 11.82 11.36 -9.28
CA TYR A 149 10.92 12.43 -9.71
C TYR A 149 10.64 12.33 -11.20
N ALA A 150 9.41 12.68 -11.58
CA ALA A 150 9.03 12.72 -12.97
C ALA A 150 9.62 13.96 -13.65
N ASN A 151 10.32 13.80 -14.76
CA ASN A 151 10.78 14.94 -15.52
CA ASN A 151 10.77 14.93 -15.53
C ASN A 151 9.67 15.55 -16.37
N ASN A 152 8.62 14.80 -16.59
CA ASN A 152 7.58 15.19 -17.53
C ASN A 152 6.26 14.51 -17.23
N ASP A 153 5.19 15.05 -17.77
CA ASP A 153 3.85 14.51 -17.68
C ASP A 153 3.73 13.21 -18.44
N VAL A 154 2.88 12.33 -17.90
CA VAL A 154 2.45 11.11 -18.56
C VAL A 154 0.94 11.14 -18.69
N VAL A 155 0.45 10.95 -19.92
CA VAL A 155 -0.98 10.95 -20.21
C VAL A 155 -1.43 9.55 -20.59
N VAL A 156 -2.56 9.14 -20.04
CA VAL A 156 -3.24 7.91 -20.42
C VAL A 156 -4.41 8.28 -21.31
N PRO A 157 -4.37 7.86 -22.59
CA PRO A 157 -5.45 8.20 -23.52
C PRO A 157 -6.82 7.66 -23.16
N THR A 158 -7.80 8.38 -23.72
CA THR A 158 -9.20 8.02 -23.91
C THR A 158 -10.35 8.98 -23.82
N PHE B 1 23.27 -8.35 22.83
CA PHE B 1 22.16 -8.42 21.85
C PHE B 1 21.51 -7.07 21.72
N ALA B 2 21.42 -6.59 20.50
CA ALA B 2 20.82 -5.29 20.24
C ALA B 2 20.24 -5.29 18.83
N CYS B 3 19.38 -4.32 18.55
CA CYS B 3 18.65 -4.29 17.28
C CYS B 3 18.66 -2.90 16.71
N LYS B 4 18.25 -2.78 15.47
CA LYS B 4 18.09 -1.47 14.85
C LYS B 4 17.07 -1.54 13.74
N THR B 5 16.54 -0.36 13.41
CA THR B 5 15.63 -0.25 12.29
C THR B 5 16.47 -0.03 11.06
N ALA B 6 15.84 -0.13 9.90
CA ALA B 6 16.57 -0.06 8.66
C ALA B 6 17.12 1.35 8.47
N ASN B 7 16.35 2.31 8.98
CA ASN B 7 16.66 3.74 8.86
C ASN B 7 17.74 4.19 9.84
N GLY B 8 17.88 3.45 10.95
CA GLY B 8 19.05 3.58 11.80
C GLY B 8 18.78 3.65 13.30
N THR B 9 17.52 3.79 13.68
CA THR B 9 17.14 3.88 15.09
C THR B 9 17.52 2.61 15.83
N ALA B 10 18.33 2.72 16.88
CA ALA B 10 18.80 1.52 17.57
C ALA B 10 17.97 1.29 18.84
N ILE B 11 17.85 0.02 19.21
CA ILE B 11 17.42 -0.35 20.54
C ILE B 11 18.58 -1.13 21.13
N PRO B 12 19.17 -0.62 22.22
CA PRO B 12 20.42 -1.19 22.73
C PRO B 12 20.21 -2.41 23.62
N ILE B 13 21.33 -3.00 24.08
CA ILE B 13 21.31 -4.06 25.07
C ILE B 13 20.35 -3.68 26.19
N GLY B 14 19.50 -4.63 26.58
CA GLY B 14 18.53 -4.40 27.63
C GLY B 14 17.15 -4.06 27.10
N GLY B 15 17.04 -3.82 25.80
CA GLY B 15 15.74 -3.58 25.18
C GLY B 15 15.32 -2.14 25.21
N GLY B 16 14.08 -1.93 24.79
CA GLY B 16 13.52 -0.64 24.56
C GLY B 16 12.50 -0.69 23.46
N SER B 17 12.20 0.46 22.89
CA SER B 17 11.15 0.62 21.89
C SER B 17 11.66 1.39 20.69
N ALA B 18 11.06 1.14 19.54
CA ALA B 18 11.30 1.95 18.35
C ALA B 18 10.07 1.98 17.47
N ASN B 19 9.93 3.04 16.69
CA ASN B 19 8.83 3.23 15.76
C ASN B 19 9.25 2.92 14.33
N VAL B 20 8.35 2.29 13.58
CA VAL B 20 8.59 1.96 12.18
C VAL B 20 7.39 2.41 11.38
N TYR B 21 7.60 3.25 10.36
CA TYR B 21 6.56 3.61 9.43
C TYR B 21 6.74 2.67 8.24
N VAL B 22 5.65 2.03 7.85
CA VAL B 22 5.65 1.08 6.76
C VAL B 22 4.91 1.61 5.55
N ASN B 23 5.40 1.20 4.38
CA ASN B 23 4.77 1.54 3.13
C ASN B 23 3.85 0.40 2.80
N LEU B 24 2.60 0.68 2.55
CA LEU B 24 1.57 -0.35 2.38
C LEU B 24 0.95 -0.29 0.99
N ALA B 25 0.60 -1.45 0.44
CA ALA B 25 -0.13 -1.48 -0.82
C ALA B 25 -1.34 -0.57 -0.68
N PRO B 26 -1.54 0.35 -1.65
CA PRO B 26 -2.57 1.37 -1.43
C PRO B 26 -3.98 0.91 -1.70
N VAL B 27 -4.11 -0.21 -2.41
CA VAL B 27 -5.41 -0.79 -2.74
C VAL B 27 -5.34 -2.29 -2.46
N VAL B 28 -6.25 -2.78 -1.62
CA VAL B 28 -6.29 -4.20 -1.27
C VAL B 28 -7.73 -4.65 -1.37
N ASN B 29 -7.97 -5.68 -2.18
CA ASN B 29 -9.32 -6.17 -2.37
C ASN B 29 -9.79 -7.00 -1.17
N VAL B 30 -11.08 -6.96 -0.93
CA VAL B 30 -11.71 -7.80 0.07
C VAL B 30 -11.32 -9.25 -0.16
N GLY B 31 -10.84 -9.94 0.87
CA GLY B 31 -10.45 -11.32 0.70
C GLY B 31 -9.00 -11.56 0.26
N GLN B 32 -8.27 -10.53 -0.14
CA GLN B 32 -6.89 -10.68 -0.56
C GLN B 32 -5.99 -10.15 0.55
N ASN B 33 -4.69 -10.34 0.44
CA ASN B 33 -3.79 -10.03 1.54
C ASN B 33 -3.03 -8.73 1.36
N LEU B 34 -3.02 -7.94 2.42
CA LEU B 34 -2.06 -6.86 2.63
C LEU B 34 -0.88 -7.45 3.38
N VAL B 35 0.31 -7.30 2.84
CA VAL B 35 1.52 -7.84 3.46
C VAL B 35 2.28 -6.69 4.13
N VAL B 36 2.62 -6.89 5.40
CA VAL B 36 3.44 -5.94 6.15
C VAL B 36 4.69 -6.70 6.57
N ASP B 37 5.76 -6.61 5.78
CA ASP B 37 6.95 -7.41 6.01
C ASP B 37 7.99 -6.62 6.78
N LEU B 38 8.19 -6.98 8.05
CA LEU B 38 9.13 -6.26 8.90
C LEU B 38 10.57 -6.75 8.80
N SER B 39 10.80 -7.83 8.05
CA SER B 39 12.15 -8.37 7.88
C SER B 39 13.11 -7.41 7.17
N THR B 40 12.58 -6.46 6.40
CA THR B 40 13.41 -5.42 5.79
C THR B 40 13.55 -4.17 6.66
N GLN B 41 12.93 -4.19 7.83
CA GLN B 41 12.84 -3.03 8.70
C GLN B 41 13.49 -3.20 10.05
N ILE B 42 13.69 -4.45 10.49
CA ILE B 42 14.16 -4.72 11.82
C ILE B 42 15.29 -5.74 11.76
N PHE B 43 16.44 -5.40 12.35
CA PHE B 43 17.63 -6.24 12.32
C PHE B 43 18.22 -6.37 13.71
N CYS B 44 18.81 -7.53 14.02
CA CYS B 44 19.37 -7.76 15.34
CA CYS B 44 19.38 -7.76 15.35
C CYS B 44 20.64 -8.60 15.26
N HIS B 45 21.43 -8.56 16.31
CA HIS B 45 22.66 -9.36 16.36
C HIS B 45 23.00 -9.76 17.79
N ASN B 46 23.84 -10.77 17.89
CA ASN B 46 24.39 -11.26 19.16
C ASN B 46 25.74 -10.56 19.36
N ASP B 47 25.94 -9.98 20.53
CA ASP B 47 27.15 -9.20 20.81
C ASP B 47 28.38 -10.02 21.20
N TYR B 48 28.16 -11.25 21.67
N TYR B 48 28.20 -11.24 21.69
CA TYR B 48 29.27 -12.14 22.14
CA TYR B 48 29.35 -12.06 22.05
C TYR B 48 29.00 -13.59 21.79
C TYR B 48 29.06 -13.54 21.78
N PRO B 49 28.91 -13.89 20.49
CA PRO B 49 28.51 -15.23 20.05
C PRO B 49 29.52 -16.35 20.35
N GLU B 50 30.77 -16.00 20.63
CA GLU B 50 31.75 -17.02 20.98
C GLU B 50 31.51 -17.58 22.39
N THR B 51 30.73 -16.86 23.19
CA THR B 51 30.45 -17.23 24.57
C THR B 51 28.96 -17.46 24.86
N ILE B 52 28.10 -16.76 24.13
CA ILE B 52 26.69 -16.74 24.47
C ILE B 52 25.84 -17.02 23.26
N THR B 53 24.76 -17.79 23.44
CA THR B 53 23.71 -17.97 22.44
C THR B 53 22.49 -17.16 22.87
N ASP B 54 21.95 -16.39 21.92
CA ASP B 54 20.76 -15.58 22.17
C ASP B 54 19.54 -16.24 21.56
N TYR B 55 18.43 -16.17 22.28
CA TYR B 55 17.17 -16.78 21.88
C TYR B 55 16.13 -15.69 21.70
N VAL B 56 15.46 -15.69 20.55
CA VAL B 56 14.57 -14.58 20.18
C VAL B 56 13.21 -15.08 19.73
N THR B 57 12.16 -14.65 20.42
CA THR B 57 10.81 -15.01 20.04
CA THR B 57 10.82 -15.03 20.05
C THR B 57 10.01 -13.80 19.68
N LEU B 58 8.93 -14.01 18.93
CA LEU B 58 7.85 -13.05 18.86
C LEU B 58 6.95 -13.40 20.05
N GLN B 59 7.05 -12.60 21.10
CA GLN B 59 6.28 -12.84 22.32
C GLN B 59 4.79 -12.57 22.09
N ARG B 60 4.52 -11.47 21.40
CA ARG B 60 3.16 -10.99 21.23
C ARG B 60 3.12 -10.03 20.06
N GLY B 61 2.04 -10.10 19.31
CA GLY B 61 1.70 -9.12 18.31
C GLY B 61 0.28 -8.68 18.54
N SER B 62 0.08 -7.37 18.59
CA SER B 62 -1.23 -6.78 18.80
C SER B 62 -1.59 -5.90 17.63
N ALA B 63 -2.88 -5.82 17.34
CA ALA B 63 -3.41 -5.05 16.20
C ALA B 63 -4.10 -3.81 16.71
N TYR B 64 -4.07 -2.76 15.89
CA TYR B 64 -4.70 -1.47 16.25
C TYR B 64 -5.42 -0.85 15.07
N GLY B 65 -6.27 0.11 15.38
CA GLY B 65 -6.89 0.94 14.37
C GLY B 65 -7.64 0.14 13.34
N GLY B 66 -7.39 0.47 12.08
CA GLY B 66 -8.09 -0.15 10.99
C GLY B 66 -7.75 -1.61 10.82
N VAL B 67 -6.56 -2.03 11.24
CA VAL B 67 -6.22 -3.44 11.18
C VAL B 67 -7.10 -4.20 12.15
N LEU B 68 -7.22 -3.69 13.36
CA LEU B 68 -8.00 -4.32 14.38
C LEU B 68 -9.48 -4.42 13.96
N SER B 69 -10.00 -3.37 13.33
CA SER B 69 -11.42 -3.31 12.99
C SER B 69 -11.80 -3.91 11.63
N ASN B 70 -10.91 -3.84 10.66
CA ASN B 70 -11.26 -4.16 9.28
C ASN B 70 -10.58 -5.37 8.66
N PHE B 71 -9.68 -6.03 9.39
CA PHE B 71 -8.88 -7.11 8.80
C PHE B 71 -8.85 -8.33 9.70
N SER B 72 -8.64 -9.48 9.09
CA SER B 72 -8.29 -10.69 9.82
C SER B 72 -6.85 -10.98 9.49
N GLY B 73 -6.13 -11.55 10.42
CA GLY B 73 -4.71 -11.60 10.28
C GLY B 73 -3.99 -12.89 10.58
N THR B 74 -2.82 -12.99 10.00
N THR B 74 -2.83 -13.04 9.97
CA THR B 74 -1.83 -14.02 10.27
CA THR B 74 -1.85 -14.04 10.36
C THR B 74 -0.48 -13.34 10.42
C THR B 74 -0.50 -13.35 10.43
N VAL B 75 0.40 -13.91 11.24
CA VAL B 75 1.78 -13.48 11.28
C VAL B 75 2.64 -14.69 10.91
N LYS B 76 3.59 -14.47 10.02
CA LYS B 76 4.57 -15.48 9.68
CA LYS B 76 4.56 -15.49 9.68
C LYS B 76 5.86 -15.14 10.39
N TYR B 77 6.38 -16.09 11.17
CA TYR B 77 7.63 -15.91 11.91
C TYR B 77 8.55 -17.06 11.58
N SER B 78 9.70 -16.74 10.99
CA SER B 78 10.72 -17.75 10.68
C SER B 78 10.11 -18.97 9.99
N GLY B 79 9.26 -18.71 9.01
CA GLY B 79 8.80 -19.78 8.14
C GLY B 79 7.50 -20.48 8.53
N SER B 80 6.87 -20.06 9.62
CA SER B 80 5.60 -20.66 10.06
C SER B 80 4.57 -19.59 10.32
N SER B 81 3.30 -19.92 10.10
CA SER B 81 2.18 -18.99 10.26
C SER B 81 1.39 -19.22 11.53
N TYR B 82 0.96 -18.12 12.15
CA TYR B 82 0.23 -18.13 13.41
C TYR B 82 -0.86 -17.08 13.35
N PRO B 83 -1.88 -17.18 14.19
CA PRO B 83 -2.87 -16.09 14.23
C PRO B 83 -2.28 -14.75 14.62
N PHE B 84 -2.86 -13.67 14.07
CA PHE B 84 -2.52 -12.30 14.47
C PHE B 84 -3.82 -11.54 14.59
N PRO B 85 -4.09 -10.88 15.74
CA PRO B 85 -3.26 -10.80 16.94
C PRO B 85 -2.92 -12.17 17.52
N THR B 86 -1.80 -12.23 18.20
CA THR B 86 -1.23 -13.52 18.54
C THR B 86 -1.90 -14.16 19.77
N THR B 87 -1.74 -15.47 19.82
CA THR B 87 -2.24 -16.23 20.94
C THR B 87 -1.03 -16.62 21.76
N SER B 88 -0.20 -17.45 21.19
N SER B 88 -0.22 -17.49 21.23
CA SER B 88 0.96 -18.01 21.90
CA SER B 88 0.95 -18.00 21.93
C SER B 88 2.23 -17.31 21.47
C SER B 88 2.19 -17.25 21.52
N GLU B 89 3.26 -17.49 22.26
CA GLU B 89 4.59 -17.04 21.90
C GLU B 89 5.11 -17.99 20.84
N THR B 90 5.89 -17.48 19.90
CA THR B 90 6.45 -18.35 18.87
C THR B 90 7.61 -19.16 19.39
N PRO B 91 8.00 -20.17 18.62
CA PRO B 91 9.29 -20.81 18.89
C PRO B 91 10.44 -19.81 18.80
N ARG B 92 11.58 -20.18 19.34
CA ARG B 92 12.76 -19.33 19.34
C ARG B 92 13.46 -19.33 17.99
N VAL B 93 14.04 -18.19 17.64
CA VAL B 93 15.07 -18.11 16.61
C VAL B 93 16.40 -17.86 17.34
N VAL B 94 17.44 -18.59 16.96
CA VAL B 94 18.77 -18.43 17.56
C VAL B 94 19.52 -17.35 16.83
N TYR B 95 20.10 -16.42 17.59
CA TYR B 95 20.99 -15.42 17.04
C TYR B 95 22.40 -15.75 17.56
N ASN B 96 23.30 -16.04 16.65
CA ASN B 96 24.62 -16.55 17.03
C ASN B 96 25.74 -15.89 16.23
N SER B 97 25.52 -14.64 15.81
CA SER B 97 26.49 -13.88 15.03
C SER B 97 26.43 -12.37 15.34
N ARG B 98 27.56 -11.66 15.29
CA ARG B 98 27.56 -10.19 15.42
C ARG B 98 27.00 -9.55 14.16
N THR B 99 26.92 -10.31 13.08
CA THR B 99 26.41 -9.81 11.82
C THR B 99 24.90 -9.64 11.97
N ASP B 100 24.44 -8.44 11.69
CA ASP B 100 23.01 -8.19 11.72
C ASP B 100 22.23 -9.09 10.80
N LYS B 101 21.14 -9.60 11.35
CA LYS B 101 20.25 -10.48 10.63
C LYS B 101 18.82 -9.98 10.82
N PRO B 102 17.98 -10.15 9.81
CA PRO B 102 16.59 -9.66 9.95
C PRO B 102 15.86 -10.35 11.08
N TRP B 103 14.88 -9.66 11.63
CA TRP B 103 13.92 -10.30 12.51
C TRP B 103 12.83 -10.79 11.55
N PRO B 104 12.65 -12.12 11.41
CA PRO B 104 11.86 -12.66 10.31
C PRO B 104 10.35 -12.67 10.57
N VAL B 105 9.77 -11.48 10.62
CA VAL B 105 8.37 -11.26 10.96
CA VAL B 105 8.35 -11.36 10.89
C VAL B 105 7.64 -10.58 9.79
N ALA B 106 6.50 -11.11 9.36
CA ALA B 106 5.63 -10.44 8.41
C ALA B 106 4.15 -10.70 8.74
N LEU B 107 3.33 -9.66 8.61
CA LEU B 107 1.90 -9.76 8.78
C LEU B 107 1.22 -9.94 7.43
N TYR B 108 0.18 -10.75 7.43
CA TYR B 108 -0.68 -10.98 6.27
C TYR B 108 -2.10 -10.66 6.71
N LEU B 109 -2.66 -9.56 6.22
CA LEU B 109 -3.88 -8.99 6.72
C LEU B 109 -4.91 -8.95 5.60
N THR B 110 -6.07 -9.55 5.83
CA THR B 110 -7.09 -9.66 4.81
C THR B 110 -8.31 -8.83 5.20
N PRO B 111 -8.75 -7.92 4.31
CA PRO B 111 -9.93 -7.14 4.66
C PRO B 111 -11.13 -8.03 4.76
N VAL B 112 -11.91 -7.85 5.83
CA VAL B 112 -13.13 -8.62 6.12
C VAL B 112 -14.25 -8.16 5.23
N SER B 113 -15.30 -8.95 5.08
CA SER B 113 -16.31 -8.59 4.10
C SER B 113 -16.93 -7.19 4.27
N SER B 114 -17.03 -6.69 5.51
CA SER B 114 -17.69 -5.41 5.73
C SER B 114 -16.78 -4.21 5.48
N ALA B 115 -15.52 -4.47 5.15
CA ALA B 115 -14.58 -3.38 4.91
C ALA B 115 -14.86 -2.72 3.56
N GLY B 116 -14.60 -1.42 3.49
CA GLY B 116 -14.75 -0.67 2.27
C GLY B 116 -14.30 0.76 2.54
N GLY B 117 -13.70 1.41 1.55
CA GLY B 117 -13.22 2.77 1.73
C GLY B 117 -11.83 2.76 2.32
N VAL B 118 -11.47 3.82 3.05
CA VAL B 118 -10.16 3.89 3.70
C VAL B 118 -10.17 2.99 4.92
N ALA B 119 -9.55 1.84 4.78
CA ALA B 119 -9.59 0.81 5.81
C ALA B 119 -8.44 0.91 6.79
N ILE B 120 -7.34 1.55 6.36
CA ILE B 120 -6.23 1.88 7.24
C ILE B 120 -5.89 3.32 6.92
N LYS B 121 -5.88 4.17 7.94
CA LYS B 121 -5.61 5.59 7.76
C LYS B 121 -4.12 5.88 7.83
N ALA B 122 -3.65 6.75 6.95
CA ALA B 122 -2.30 7.24 7.02
C ALA B 122 -2.00 7.78 8.41
N GLY B 123 -0.85 7.38 8.94
CA GLY B 123 -0.36 7.83 10.24
C GLY B 123 -0.77 6.95 11.40
N SER B 124 -1.75 6.07 11.19
CA SER B 124 -2.31 5.31 12.31
C SER B 124 -1.37 4.21 12.78
N LEU B 125 -1.45 3.96 14.08
CA LEU B 125 -0.85 2.79 14.69
C LEU B 125 -1.60 1.56 14.16
N ILE B 126 -0.83 0.60 13.61
CA ILE B 126 -1.45 -0.63 13.09
C ILE B 126 -1.07 -1.88 13.86
N ALA B 127 0.07 -1.87 14.53
CA ALA B 127 0.52 -3.06 15.22
C ALA B 127 1.58 -2.71 16.23
N VAL B 128 1.67 -3.51 17.29
CA VAL B 128 2.82 -3.52 18.19
C VAL B 128 3.33 -4.94 18.24
N LEU B 129 4.60 -5.11 17.92
CA LEU B 129 5.23 -6.41 17.84
C LEU B 129 6.34 -6.47 18.87
N ILE B 130 6.31 -7.47 19.73
CA ILE B 130 7.27 -7.58 20.81
C ILE B 130 8.23 -8.75 20.58
N LEU B 131 9.50 -8.39 20.48
CA LEU B 131 10.61 -9.31 20.38
C LEU B 131 11.11 -9.54 21.80
N ARG B 132 11.09 -10.79 22.24
CA ARG B 132 11.61 -11.12 23.57
C ARG B 132 12.90 -11.91 23.43
N GLN B 133 13.93 -11.44 24.11
CA GLN B 133 15.27 -11.99 24.00
C GLN B 133 15.78 -12.51 25.33
N THR B 134 16.23 -13.75 25.31
CA THR B 134 16.88 -14.39 26.46
C THR B 134 18.20 -14.97 25.95
N ASN B 135 18.91 -15.71 26.78
CA ASN B 135 20.17 -16.31 26.35
C ASN B 135 20.42 -17.57 27.20
N ASN B 136 21.55 -18.23 26.93
CA ASN B 136 21.95 -19.44 27.65
C ASN B 136 23.06 -19.17 28.67
N TYR B 137 23.19 -17.90 29.08
CA TYR B 137 24.31 -17.48 29.90
C TYR B 137 23.87 -16.97 31.28
N ASN B 138 22.86 -16.10 31.31
CA ASN B 138 22.39 -15.56 32.56
C ASN B 138 20.87 -15.45 32.48
N SER B 139 20.24 -14.62 33.32
CA SER B 139 18.78 -14.56 33.38
C SER B 139 18.20 -13.42 32.55
N ASP B 140 19.02 -12.76 31.74
CA ASP B 140 18.54 -11.63 30.93
C ASP B 140 17.29 -12.04 30.15
N ASP B 141 16.26 -11.18 30.20
CA ASP B 141 14.97 -11.44 29.56
C ASP B 141 14.38 -10.09 29.22
N PHE B 142 14.58 -9.66 27.98
CA PHE B 142 14.32 -8.28 27.58
C PHE B 142 13.32 -8.19 26.45
N GLN B 143 12.54 -7.12 26.43
CA GLN B 143 11.66 -6.82 25.31
C GLN B 143 12.21 -5.73 24.42
N PHE B 144 12.16 -6.00 23.12
CA PHE B 144 12.44 -5.02 22.08
C PHE B 144 11.09 -4.81 21.40
N VAL B 145 10.52 -3.62 21.58
CA VAL B 145 9.14 -3.32 21.25
C VAL B 145 9.09 -2.47 19.99
N TRP B 146 8.38 -2.95 18.96
CA TRP B 146 8.34 -2.33 17.66
C TRP B 146 6.93 -1.84 17.37
N ASN B 147 6.78 -0.52 17.33
CA ASN B 147 5.50 0.15 17.13
C ASN B 147 5.38 0.51 15.66
N ILE B 148 4.38 -0.06 14.99
CA ILE B 148 4.26 -0.02 13.55
C ILE B 148 3.14 0.93 13.11
N TYR B 149 3.49 1.89 12.27
CA TYR B 149 2.57 2.93 11.79
C TYR B 149 2.44 2.88 10.28
N ALA B 150 1.24 3.15 9.78
CA ALA B 150 1.02 3.23 8.34
C ALA B 150 1.57 4.55 7.81
N ASN B 151 2.42 4.53 6.78
CA ASN B 151 2.81 5.78 6.11
C ASN B 151 1.74 6.31 5.17
N ASN B 152 0.80 5.44 4.79
CA ASN B 152 -0.18 5.77 3.77
C ASN B 152 -1.49 5.05 4.00
N ASP B 153 -2.55 5.62 3.45
CA ASP B 153 -3.88 5.04 3.44
C ASP B 153 -3.89 3.73 2.68
N VAL B 154 -4.73 2.80 3.13
CA VAL B 154 -5.04 1.59 2.37
C VAL B 154 -6.51 1.61 2.11
N VAL B 155 -6.87 1.54 0.83
CA VAL B 155 -8.26 1.56 0.40
C VAL B 155 -8.69 0.16 -0.03
N VAL B 156 -9.87 -0.22 0.43
CA VAL B 156 -10.52 -1.47 0.02
C VAL B 156 -11.63 -1.09 -0.97
N PRO B 157 -11.52 -1.53 -2.23
CA PRO B 157 -12.57 -1.19 -3.20
C PRO B 157 -13.95 -1.65 -2.78
N THR B 158 -14.96 -0.96 -3.26
CA THR B 158 -16.34 -1.34 -3.04
C THR B 158 -16.60 -2.77 -3.43
N PHE C 1 -37.57 -17.62 -16.48
CA PHE C 1 -36.15 -17.23 -16.26
C PHE C 1 -35.26 -18.33 -16.74
N ALA C 2 -34.33 -17.99 -17.63
CA ALA C 2 -33.38 -18.94 -18.15
C ALA C 2 -32.11 -18.20 -18.54
N CYS C 3 -31.05 -18.96 -18.71
CA CYS C 3 -29.73 -18.41 -18.93
C CYS C 3 -29.01 -19.13 -20.05
N LYS C 4 -27.94 -18.52 -20.53
CA LYS C 4 -27.08 -19.17 -21.51
C LYS C 4 -25.66 -18.65 -21.42
N THR C 5 -24.74 -19.43 -21.95
CA THR C 5 -23.36 -18.99 -22.02
C THR C 5 -23.10 -18.29 -23.34
N ALA C 6 -21.91 -17.73 -23.46
CA ALA C 6 -21.56 -16.95 -24.64
C ALA C 6 -21.52 -17.80 -25.87
N ASN C 7 -21.29 -19.09 -25.77
CA ASN C 7 -21.48 -19.77 -27.05
C ASN C 7 -22.67 -20.71 -27.10
N GLY C 8 -23.70 -20.40 -26.34
CA GLY C 8 -25.02 -20.93 -26.65
C GLY C 8 -25.55 -21.98 -25.72
N THR C 9 -24.71 -22.47 -24.80
CA THR C 9 -25.11 -23.55 -23.89
C THR C 9 -26.18 -22.99 -22.95
N ALA C 10 -27.35 -23.58 -22.98
CA ALA C 10 -28.46 -23.02 -22.21
C ALA C 10 -28.64 -23.78 -20.91
N ILE C 11 -29.12 -23.06 -19.91
CA ILE C 11 -29.74 -23.69 -18.76
C ILE C 11 -31.17 -23.16 -18.75
N PRO C 12 -32.14 -24.06 -18.88
CA PRO C 12 -33.52 -23.63 -19.08
C PRO C 12 -34.24 -23.31 -17.79
N ILE C 13 -35.50 -22.90 -17.90
CA ILE C 13 -36.36 -22.71 -16.76
C ILE C 13 -36.23 -23.90 -15.80
N GLY C 14 -36.09 -23.62 -14.50
CA GLY C 14 -35.95 -24.67 -13.51
C GLY C 14 -34.50 -24.92 -13.11
N GLY C 15 -33.55 -24.32 -13.83
CA GLY C 15 -32.15 -24.46 -13.45
C GLY C 15 -31.49 -25.70 -14.00
N GLY C 16 -30.27 -25.95 -13.54
CA GLY C 16 -29.41 -26.98 -14.06
C GLY C 16 -27.98 -26.49 -14.00
N SER C 17 -27.11 -27.11 -14.79
CA SER C 17 -25.69 -26.82 -14.78
C SER C 17 -25.19 -26.54 -16.19
N ALA C 18 -24.10 -25.78 -16.30
CA ALA C 18 -23.41 -25.62 -17.58
C ALA C 18 -21.95 -25.40 -17.32
N ASN C 19 -21.11 -25.76 -18.29
CA ASN C 19 -19.68 -25.59 -18.22
C ASN C 19 -19.29 -24.36 -19.03
N VAL C 20 -18.42 -23.54 -18.45
CA VAL C 20 -17.96 -22.29 -19.05
C VAL C 20 -16.44 -22.31 -19.06
N TYR C 21 -15.85 -22.13 -20.22
CA TYR C 21 -14.41 -22.09 -20.38
C TYR C 21 -13.95 -20.69 -20.60
N VAL C 22 -12.95 -20.26 -19.84
CA VAL C 22 -12.50 -18.87 -19.85
C VAL C 22 -11.03 -18.70 -20.19
N ASN C 23 -10.75 -17.64 -20.94
CA ASN C 23 -9.39 -17.19 -21.15
C ASN C 23 -8.81 -16.60 -19.90
N LEU C 24 -7.54 -16.87 -19.66
CA LEU C 24 -6.83 -16.35 -18.50
C LEU C 24 -5.52 -15.71 -18.94
N ALA C 25 -5.12 -14.60 -18.33
CA ALA C 25 -3.83 -13.99 -18.62
C ALA C 25 -2.78 -15.05 -18.35
N PRO C 26 -1.86 -15.29 -19.29
CA PRO C 26 -0.97 -16.43 -19.14
C PRO C 26 0.21 -16.24 -18.21
N VAL C 27 0.48 -14.99 -17.82
CA VAL C 27 1.52 -14.67 -16.87
C VAL C 27 0.95 -13.70 -15.86
N VAL C 28 1.02 -14.07 -14.59
CA VAL C 28 0.53 -13.21 -13.54
C VAL C 28 1.57 -13.21 -12.44
N ASN C 29 2.11 -12.03 -12.13
CA ASN C 29 3.13 -11.91 -11.10
C ASN C 29 2.54 -11.79 -9.71
N VAL C 30 3.31 -12.19 -8.73
CA VAL C 30 2.95 -11.88 -7.35
C VAL C 30 2.75 -10.36 -7.27
N GLY C 31 1.64 -9.96 -6.66
CA GLY C 31 1.27 -8.55 -6.57
C GLY C 31 0.30 -8.08 -7.65
N GLN C 32 0.01 -8.93 -8.63
CA GLN C 32 -0.92 -8.62 -9.70
C GLN C 32 -2.21 -9.40 -9.58
N ASN C 33 -3.27 -8.90 -10.20
CA ASN C 33 -4.54 -9.60 -10.20
C ASN C 33 -4.87 -10.19 -11.55
N LEU C 34 -5.30 -11.43 -11.52
CA LEU C 34 -5.91 -12.11 -12.64
C LEU C 34 -7.42 -11.86 -12.61
N VAL C 35 -7.98 -11.40 -13.71
CA VAL C 35 -9.38 -11.05 -13.78
C VAL C 35 -10.13 -12.09 -14.59
N VAL C 36 -11.17 -12.65 -13.99
CA VAL C 36 -12.05 -13.63 -14.65
C VAL C 36 -13.44 -13.00 -14.64
N ASP C 37 -13.80 -12.30 -15.71
CA ASP C 37 -15.06 -11.57 -15.76
C ASP C 37 -16.10 -12.42 -16.46
N LEU C 38 -17.06 -12.93 -15.70
CA LEU C 38 -18.08 -13.81 -16.26
C LEU C 38 -19.24 -13.09 -16.89
N SER C 39 -19.28 -11.77 -16.75
CA SER C 39 -20.37 -11.01 -17.36
C SER C 39 -20.39 -11.07 -18.88
N THR C 40 -19.28 -11.46 -19.52
CA THR C 40 -19.26 -11.64 -20.96
C THR C 40 -19.55 -13.06 -21.36
N GLN C 41 -19.81 -13.92 -20.37
CA GLN C 41 -19.91 -15.35 -20.60
C GLN C 41 -21.23 -15.97 -20.19
N ILE C 42 -21.95 -15.30 -19.32
CA ILE C 42 -23.18 -15.82 -18.71
C ILE C 42 -24.26 -14.73 -18.80
N PHE C 43 -25.39 -15.07 -19.40
CA PHE C 43 -26.48 -14.12 -19.65
C PHE C 43 -27.80 -14.73 -19.24
N CYS C 44 -28.71 -13.91 -18.74
CA CYS C 44 -29.99 -14.41 -18.27
CA CYS C 44 -30.00 -14.41 -18.26
C CYS C 44 -31.10 -13.43 -18.60
N HIS C 45 -32.34 -13.93 -18.57
CA HIS C 45 -33.50 -13.06 -18.83
C HIS C 45 -34.70 -13.60 -18.06
N ASN C 46 -35.68 -12.70 -17.89
CA ASN C 46 -36.98 -12.95 -17.29
C ASN C 46 -37.93 -13.29 -18.42
N ASP C 47 -38.66 -14.39 -18.30
CA ASP C 47 -39.54 -14.89 -19.36
C ASP C 47 -40.94 -14.25 -19.38
N TYR C 48 -41.34 -13.60 -18.30
N TYR C 48 -41.31 -13.56 -18.31
CA TYR C 48 -42.65 -12.95 -18.27
CA TYR C 48 -42.64 -12.94 -18.17
C TYR C 48 -42.63 -11.70 -17.40
C TYR C 48 -42.60 -11.69 -17.33
N PRO C 49 -41.83 -10.70 -17.80
CA PRO C 49 -41.62 -9.50 -16.99
C PRO C 49 -42.89 -8.66 -16.84
N GLU C 50 -43.89 -8.89 -17.67
CA GLU C 50 -45.13 -8.15 -17.55
C GLU C 50 -45.84 -8.47 -16.23
N THR C 51 -45.62 -9.66 -15.67
CA THR C 51 -46.31 -10.07 -14.47
C THR C 51 -45.38 -10.47 -13.33
N ILE C 52 -44.17 -10.87 -13.66
CA ILE C 52 -43.28 -11.45 -12.65
C ILE C 52 -41.96 -10.71 -12.62
N THR C 53 -41.43 -10.51 -11.42
CA THR C 53 -40.08 -10.01 -11.21
C THR C 53 -39.22 -11.16 -10.68
N ASP C 54 -38.05 -11.33 -11.29
CA ASP C 54 -37.09 -12.38 -10.88
C ASP C 54 -35.98 -11.79 -10.03
N TYR C 55 -35.55 -12.55 -9.02
CA TYR C 55 -34.52 -12.13 -8.09
C TYR C 55 -33.37 -13.12 -8.17
N VAL C 56 -32.17 -12.60 -8.32
CA VAL C 56 -31.02 -13.42 -8.63
C VAL C 56 -29.86 -13.10 -7.71
N THR C 57 -29.39 -14.10 -6.98
CA THR C 57 -28.22 -13.93 -6.10
C THR C 57 -27.05 -14.78 -6.55
N LEU C 58 -25.85 -14.42 -6.11
CA LEU C 58 -24.73 -15.34 -6.08
C LEU C 58 -24.81 -16.06 -4.75
N GLN C 59 -25.29 -17.29 -4.81
CA GLN C 59 -25.48 -18.10 -3.62
C GLN C 59 -24.15 -18.58 -3.05
N ARG C 60 -23.24 -18.98 -3.94
CA ARG C 60 -21.99 -19.57 -3.53
C ARG C 60 -20.97 -19.48 -4.64
N GLY C 61 -19.74 -19.18 -4.28
CA GLY C 61 -18.61 -19.34 -5.19
C GLY C 61 -17.59 -20.20 -4.50
N SER C 62 -17.16 -21.26 -5.17
CA SER C 62 -16.16 -22.17 -4.65
C SER C 62 -14.98 -22.21 -5.60
N ALA C 63 -13.78 -22.40 -5.04
CA ALA C 63 -12.55 -22.45 -5.80
C ALA C 63 -12.03 -23.87 -5.89
N TYR C 64 -11.33 -24.19 -6.97
CA TYR C 64 -10.78 -25.52 -7.19
C TYR C 64 -9.38 -25.46 -7.77
N GLY C 65 -8.69 -26.59 -7.64
CA GLY C 65 -7.42 -26.78 -8.29
C GLY C 65 -6.42 -25.71 -7.96
N GLY C 66 -5.80 -25.17 -9.01
CA GLY C 66 -4.76 -24.19 -8.82
C GLY C 66 -5.27 -22.88 -8.25
N VAL C 67 -6.52 -22.52 -8.50
CA VAL C 67 -7.06 -21.31 -7.90
C VAL C 67 -7.19 -21.49 -6.39
N LEU C 68 -7.71 -22.64 -5.99
CA LEU C 68 -7.82 -22.96 -4.58
C LEU C 68 -6.46 -23.01 -3.89
N SER C 69 -5.45 -23.55 -4.56
CA SER C 69 -4.14 -23.75 -3.94
C SER C 69 -3.22 -22.53 -4.00
N ASN C 70 -3.29 -21.77 -5.08
CA ASN C 70 -2.23 -20.82 -5.38
C ASN C 70 -2.63 -19.34 -5.42
N PHE C 71 -3.91 -19.05 -5.21
CA PHE C 71 -4.42 -17.69 -5.31
C PHE C 71 -5.29 -17.32 -4.11
N SER C 72 -5.35 -16.03 -3.84
CA SER C 72 -6.35 -15.50 -2.91
CA SER C 72 -6.32 -15.46 -2.90
C SER C 72 -7.34 -14.71 -3.74
N GLY C 73 -8.61 -14.84 -3.43
CA GLY C 73 -9.64 -14.31 -4.30
C GLY C 73 -10.65 -13.35 -3.73
N THR C 74 -11.20 -12.59 -4.65
CA THR C 74 -12.31 -11.69 -4.44
C THR C 74 -13.33 -11.98 -5.53
N VAL C 75 -14.61 -11.89 -5.21
CA VAL C 75 -15.64 -11.91 -6.23
C VAL C 75 -16.41 -10.61 -6.14
N LYS C 76 -16.58 -9.95 -7.28
CA LYS C 76 -17.41 -8.75 -7.34
C LYS C 76 -18.72 -9.12 -8.01
N TYR C 77 -19.82 -8.82 -7.34
CA TYR C 77 -21.16 -9.08 -7.86
C TYR C 77 -21.97 -7.79 -7.86
N SER C 78 -22.40 -7.39 -9.04
CA SER C 78 -23.27 -6.22 -9.19
C SER C 78 -22.73 -5.04 -8.39
N GLY C 79 -21.45 -4.78 -8.52
CA GLY C 79 -20.86 -3.55 -8.01
C GLY C 79 -20.29 -3.61 -6.60
N SER C 80 -20.38 -4.74 -5.92
CA SER C 80 -19.84 -4.88 -4.57
C SER C 80 -18.94 -6.09 -4.49
N SER C 81 -17.93 -6.02 -3.63
CA SER C 81 -16.90 -7.04 -3.51
C SER C 81 -17.06 -7.90 -2.26
N TYR C 82 -16.71 -9.18 -2.39
CA TYR C 82 -16.86 -10.17 -1.34
C TYR C 82 -15.67 -11.12 -1.43
N PRO C 83 -15.34 -11.80 -0.33
CA PRO C 83 -14.27 -12.80 -0.44
C PRO C 83 -14.66 -13.95 -1.36
N PHE C 84 -13.68 -14.55 -2.01
CA PHE C 84 -13.87 -15.74 -2.83
C PHE C 84 -12.78 -16.73 -2.47
N PRO C 85 -13.12 -17.99 -2.09
CA PRO C 85 -14.47 -18.56 -2.00
C PRO C 85 -15.35 -17.85 -0.97
N THR C 86 -16.64 -17.98 -1.17
CA THR C 86 -17.65 -17.26 -0.42
C THR C 86 -18.07 -17.99 0.86
N THR C 87 -18.69 -17.26 1.79
CA THR C 87 -19.28 -17.82 3.00
C THR C 87 -20.79 -17.60 3.03
N SER C 88 -21.23 -16.40 2.69
CA SER C 88 -22.65 -16.07 2.66
C SER C 88 -23.13 -15.63 1.27
N GLU C 89 -24.44 -15.61 1.12
CA GLU C 89 -25.08 -15.19 -0.12
C GLU C 89 -25.04 -13.70 -0.29
N THR C 90 -24.95 -13.24 -1.53
CA THR C 90 -25.01 -11.82 -1.83
C THR C 90 -26.43 -11.30 -1.80
N PRO C 91 -26.57 -9.96 -1.81
CA PRO C 91 -27.86 -9.36 -2.13
C PRO C 91 -28.34 -9.78 -3.52
N ARG C 92 -29.63 -9.59 -3.75
CA ARG C 92 -30.24 -9.93 -5.03
C ARG C 92 -30.08 -8.86 -6.10
N VAL C 93 -30.04 -9.32 -7.34
CA VAL C 93 -30.16 -8.48 -8.53
C VAL C 93 -31.53 -8.75 -9.15
N VAL C 94 -32.24 -7.71 -9.55
CA VAL C 94 -33.53 -7.85 -10.19
C VAL C 94 -33.37 -8.07 -11.68
N TYR C 95 -34.05 -9.07 -12.22
CA TYR C 95 -34.16 -9.28 -13.67
C TYR C 95 -35.62 -9.03 -14.04
N ASN C 96 -35.83 -8.03 -14.90
CA ASN C 96 -37.17 -7.54 -15.19
C ASN C 96 -37.36 -7.27 -16.67
N SER C 97 -36.63 -8.00 -17.50
CA SER C 97 -36.68 -7.85 -18.94
C SER C 97 -36.45 -9.17 -19.64
N ARG C 98 -37.06 -9.30 -20.81
CA ARG C 98 -36.91 -10.42 -21.70
C ARG C 98 -35.54 -10.35 -22.36
N THR C 99 -34.96 -9.16 -22.40
CA THR C 99 -33.67 -8.95 -23.05
C THR C 99 -32.58 -9.60 -22.20
N ASP C 100 -31.75 -10.44 -22.84
CA ASP C 100 -30.64 -11.08 -22.14
C ASP C 100 -29.74 -10.02 -21.55
N LYS C 101 -29.40 -10.20 -20.29
CA LYS C 101 -28.57 -9.27 -19.55
C LYS C 101 -27.47 -10.11 -18.89
N PRO C 102 -26.26 -9.56 -18.77
CA PRO C 102 -25.18 -10.30 -18.13
C PRO C 102 -25.51 -10.67 -16.70
N TRP C 103 -24.91 -11.75 -16.23
CA TRP C 103 -24.86 -12.04 -14.81
C TRP C 103 -23.59 -11.36 -14.32
N PRO C 104 -23.72 -10.34 -13.45
CA PRO C 104 -22.59 -9.43 -13.20
C PRO C 104 -21.61 -9.93 -12.12
N VAL C 105 -20.91 -10.99 -12.47
CA VAL C 105 -19.94 -11.63 -11.58
C VAL C 105 -18.55 -11.61 -12.20
N ALA C 106 -17.55 -11.23 -11.40
CA ALA C 106 -16.16 -11.30 -11.82
C ALA C 106 -15.31 -11.74 -10.66
N LEU C 107 -14.30 -12.56 -10.95
CA LEU C 107 -13.33 -12.98 -9.95
C LEU C 107 -12.05 -12.19 -10.14
N TYR C 108 -11.43 -11.82 -9.02
CA TYR C 108 -10.12 -11.19 -9.02
C TYR C 108 -9.23 -12.07 -8.17
N LEU C 109 -8.22 -12.66 -8.80
CA LEU C 109 -7.37 -13.69 -8.17
C LEU C 109 -5.91 -13.25 -8.15
N THR C 110 -5.29 -13.21 -6.97
CA THR C 110 -3.90 -12.78 -6.87
C THR C 110 -3.04 -13.90 -6.29
N PRO C 111 -1.85 -14.12 -6.86
CA PRO C 111 -1.06 -15.27 -6.38
C PRO C 111 -0.67 -15.16 -4.91
N VAL C 112 -0.64 -16.30 -4.24
CA VAL C 112 -0.16 -16.32 -2.85
C VAL C 112 1.35 -16.06 -2.89
N SER C 113 1.89 -15.58 -1.78
CA SER C 113 3.27 -15.12 -1.74
C SER C 113 4.26 -16.15 -2.24
N SER C 114 3.99 -17.43 -1.99
CA SER C 114 4.88 -18.54 -2.36
C SER C 114 4.61 -19.12 -3.73
N ALA C 115 3.67 -18.55 -4.48
CA ALA C 115 3.28 -19.13 -5.76
C ALA C 115 4.41 -19.06 -6.80
N GLY C 116 4.42 -20.04 -7.70
CA GLY C 116 5.42 -20.08 -8.75
C GLY C 116 5.17 -21.23 -9.70
N GLY C 117 5.56 -21.07 -10.95
CA GLY C 117 5.39 -22.13 -11.95
C GLY C 117 3.99 -22.09 -12.54
N VAL C 118 3.52 -23.24 -13.02
CA VAL C 118 2.18 -23.34 -13.60
C VAL C 118 1.16 -23.40 -12.46
N ALA C 119 0.57 -22.27 -12.19
CA ALA C 119 -0.29 -22.11 -11.03
C ALA C 119 -1.76 -22.43 -11.33
N ILE C 120 -2.17 -22.36 -12.60
CA ILE C 120 -3.47 -22.85 -13.06
C ILE C 120 -3.22 -23.61 -14.34
N LYS C 121 -3.75 -24.81 -14.45
CA LYS C 121 -3.55 -25.64 -15.63
C LYS C 121 -4.66 -25.56 -16.64
N ALA C 122 -4.30 -25.50 -17.92
CA ALA C 122 -5.29 -25.54 -19.00
C ALA C 122 -6.21 -26.72 -18.80
N GLY C 123 -7.50 -26.46 -18.99
CA GLY C 123 -8.50 -27.50 -18.90
C GLY C 123 -9.02 -27.78 -17.50
N SER C 124 -8.36 -27.21 -16.50
CA SER C 124 -8.71 -27.53 -15.12
C SER C 124 -9.96 -26.77 -14.62
N LEU C 125 -10.68 -27.40 -13.71
CA LEU C 125 -11.75 -26.73 -12.99
C LEU C 125 -11.16 -25.69 -12.08
N ILE C 126 -11.64 -24.45 -12.20
CA ILE C 126 -11.13 -23.37 -11.36
C ILE C 126 -12.17 -22.84 -10.36
N ALA C 127 -13.45 -22.96 -10.67
CA ALA C 127 -14.49 -22.40 -9.80
C ALA C 127 -15.83 -23.03 -10.12
N VAL C 128 -16.69 -23.05 -9.13
CA VAL C 128 -18.12 -23.30 -9.34
C VAL C 128 -18.90 -22.14 -8.74
N LEU C 129 -19.72 -21.50 -9.56
CA LEU C 129 -20.47 -20.33 -9.16
C LEU C 129 -21.94 -20.65 -9.28
N ILE C 130 -22.68 -20.47 -8.20
CA ILE C 130 -24.09 -20.82 -8.18
C ILE C 130 -24.97 -19.58 -8.16
N LEU C 131 -25.81 -19.49 -9.18
CA LEU C 131 -26.82 -18.46 -9.32
C LEU C 131 -28.12 -19.02 -8.76
N ARG C 132 -28.72 -18.34 -7.79
CA ARG C 132 -29.99 -18.77 -7.22
C ARG C 132 -31.08 -17.77 -7.61
N GLN C 133 -32.15 -18.30 -8.21
CA GLN C 133 -33.22 -17.50 -8.75
C GLN C 133 -34.53 -17.81 -8.08
N THR C 134 -35.18 -16.74 -7.60
CA THR C 134 -36.52 -16.78 -7.07
C THR C 134 -37.33 -15.69 -7.80
N ASN C 135 -38.57 -15.47 -7.36
CA ASN C 135 -39.42 -14.46 -7.97
C ASN C 135 -40.42 -13.92 -6.97
N ASN C 136 -41.28 -13.01 -7.44
CA ASN C 136 -42.30 -12.41 -6.58
C ASN C 136 -43.67 -13.01 -6.85
N TYR C 137 -43.68 -14.22 -7.41
CA TYR C 137 -44.93 -14.83 -7.88
C TYR C 137 -45.29 -16.18 -7.21
N ASN C 138 -44.33 -17.10 -7.12
CA ASN C 138 -44.61 -18.42 -6.55
C ASN C 138 -43.41 -18.90 -5.73
N SER C 139 -43.28 -20.19 -5.49
CA SER C 139 -42.23 -20.71 -4.61
C SER C 139 -40.97 -21.13 -5.35
N ASP C 140 -40.90 -20.85 -6.65
CA ASP C 140 -39.73 -21.28 -7.44
C ASP C 140 -38.44 -20.81 -6.81
N ASP C 141 -37.48 -21.73 -6.70
CA ASP C 141 -36.19 -21.42 -6.08
C ASP C 141 -35.21 -22.33 -6.77
N PHE C 142 -34.58 -21.81 -7.81
CA PHE C 142 -33.84 -22.65 -8.73
C PHE C 142 -32.37 -22.28 -8.74
N GLN C 143 -31.53 -23.29 -8.87
CA GLN C 143 -30.09 -23.09 -8.95
C GLN C 143 -29.61 -23.30 -10.37
N PHE C 144 -28.82 -22.34 -10.83
CA PHE C 144 -28.13 -22.37 -12.11
C PHE C 144 -26.64 -22.47 -11.76
N VAL C 145 -26.05 -23.61 -12.06
CA VAL C 145 -24.73 -23.96 -11.58
C VAL C 145 -23.73 -23.82 -12.71
N TRP C 146 -22.75 -22.96 -12.51
CA TRP C 146 -21.80 -22.61 -13.56
C TRP C 146 -20.41 -23.12 -13.19
N ASN C 147 -19.94 -24.10 -13.94
CA ASN C 147 -18.68 -24.76 -13.69
C ASN C 147 -17.65 -24.13 -14.57
N ILE C 148 -16.67 -23.48 -13.97
CA ILE C 148 -15.73 -22.64 -14.70
C ILE C 148 -14.42 -23.35 -14.87
N TYR C 149 -13.94 -23.42 -16.13
CA TYR C 149 -12.72 -24.12 -16.50
C TYR C 149 -11.74 -23.17 -17.19
N ALA C 150 -10.45 -23.43 -17.01
CA ALA C 150 -9.40 -22.64 -17.64
C ALA C 150 -9.18 -23.05 -19.08
N ASN C 151 -9.13 -22.08 -20.01
CA ASN C 151 -8.71 -22.39 -21.38
C ASN C 151 -7.22 -22.57 -21.54
N ASN C 152 -6.45 -22.05 -20.59
CA ASN C 152 -5.00 -22.05 -20.71
C ASN C 152 -4.29 -21.96 -19.38
N ASP C 153 -3.00 -22.28 -19.39
CA ASP C 153 -2.13 -22.20 -18.23
C ASP C 153 -1.96 -20.75 -17.80
N VAL C 154 -1.80 -20.57 -16.50
CA VAL C 154 -1.35 -19.31 -15.90
C VAL C 154 -0.07 -19.62 -15.16
N VAL C 155 1.00 -18.90 -15.51
CA VAL C 155 2.31 -19.06 -14.89
C VAL C 155 2.59 -17.87 -13.99
N VAL C 156 3.08 -18.15 -12.78
CA VAL C 156 3.55 -17.12 -11.87
C VAL C 156 5.07 -17.14 -11.88
N PRO C 157 5.71 -16.13 -12.50
CA PRO C 157 7.16 -16.01 -12.59
C PRO C 157 7.83 -15.77 -11.28
N THR C 158 9.11 -16.07 -11.31
CA THR C 158 10.06 -15.47 -10.41
C THR C 158 11.37 -16.10 -9.97
N PHE D 1 -21.11 21.22 0.73
CA PHE D 1 -19.71 21.61 1.08
C PHE D 1 -18.76 20.56 0.56
N ALA D 2 -17.77 21.00 -0.20
CA ALA D 2 -16.78 20.10 -0.77
C ALA D 2 -15.48 20.86 -0.96
N CYS D 3 -14.40 20.11 -1.13
CA CYS D 3 -13.06 20.68 -1.16
C CYS D 3 -12.25 20.03 -2.26
N LYS D 4 -11.15 20.67 -2.62
CA LYS D 4 -10.21 20.07 -3.57
C LYS D 4 -8.82 20.60 -3.28
N THR D 5 -7.85 19.85 -3.79
CA THR D 5 -6.46 20.26 -3.75
C THR D 5 -5.87 20.49 -5.13
N ALA D 6 -6.35 19.73 -6.12
CA ALA D 6 -5.80 19.76 -7.49
C ALA D 6 -6.86 19.26 -8.45
N ASN D 7 -6.75 19.65 -9.72
CA ASN D 7 -7.63 19.05 -10.72
C ASN D 7 -7.46 17.56 -10.56
N GLY D 8 -8.50 16.88 -10.10
CA GLY D 8 -8.49 15.43 -10.14
C GLY D 8 -8.52 14.88 -8.73
N THR D 9 -8.29 15.76 -7.74
CA THR D 9 -8.30 15.33 -6.34
C THR D 9 -9.18 16.20 -5.46
N ALA D 10 -10.43 15.79 -5.38
CA ALA D 10 -11.47 16.44 -4.62
C ALA D 10 -11.86 15.53 -3.46
N ILE D 11 -12.40 16.13 -2.40
CA ILE D 11 -13.12 15.38 -1.39
C ILE D 11 -14.56 15.91 -1.46
N PRO D 12 -15.52 15.04 -1.75
CA PRO D 12 -16.89 15.46 -2.02
C PRO D 12 -17.70 15.66 -0.75
N ILE D 13 -18.96 16.05 -0.94
CA ILE D 13 -19.94 16.14 0.13
C ILE D 13 -19.86 14.90 0.98
N GLY D 14 -19.82 15.09 2.29
CA GLY D 14 -19.77 13.98 3.23
C GLY D 14 -18.38 13.67 3.73
N GLY D 15 -17.37 14.32 3.13
CA GLY D 15 -16.01 14.12 3.59
C GLY D 15 -15.28 12.94 2.99
N GLY D 16 -14.11 12.66 3.55
CA GLY D 16 -13.22 11.65 3.02
C GLY D 16 -11.78 12.09 3.26
N SER D 17 -10.84 11.50 2.54
CA SER D 17 -9.42 11.75 2.68
CA SER D 17 -9.46 11.86 2.69
C SER D 17 -8.80 12.14 1.34
N ALA D 18 -7.71 12.89 1.39
CA ALA D 18 -6.90 13.15 0.21
C ALA D 18 -5.46 13.34 0.61
N ASN D 19 -4.58 13.09 -0.34
CA ASN D 19 -3.16 13.19 -0.12
C ASN D 19 -2.60 14.41 -0.81
N VAL D 20 -1.81 15.18 -0.09
CA VAL D 20 -1.26 16.44 -0.56
C VAL D 20 0.26 16.38 -0.42
N TYR D 21 0.97 16.59 -1.52
CA TYR D 21 2.42 16.60 -1.53
C TYR D 21 2.91 18.04 -1.53
N VAL D 22 3.77 18.37 -0.59
CA VAL D 22 4.24 19.74 -0.47
C VAL D 22 5.76 19.81 -0.65
N ASN D 23 6.17 20.86 -1.36
CA ASN D 23 7.58 21.21 -1.41
C ASN D 23 8.03 21.78 -0.09
N LEU D 24 9.25 21.46 0.29
CA LEU D 24 9.81 21.96 1.52
C LEU D 24 11.19 22.57 1.27
N ALA D 25 11.46 23.66 1.97
CA ALA D 25 12.79 24.27 1.92
C ALA D 25 13.78 23.17 2.23
N PRO D 26 14.83 23.03 1.41
CA PRO D 26 15.68 21.84 1.59
C PRO D 26 16.67 21.88 2.74
N VAL D 27 16.93 23.05 3.30
CA VAL D 27 17.83 23.21 4.44
C VAL D 27 17.18 24.14 5.45
N VAL D 28 17.12 23.71 6.71
CA VAL D 28 16.61 24.55 7.78
C VAL D 28 17.47 24.32 9.01
N ASN D 29 18.00 25.39 9.58
CA ASN D 29 18.82 25.32 10.75
C ASN D 29 18.00 25.37 12.05
N VAL D 30 18.56 24.84 13.12
CA VAL D 30 18.03 25.10 14.45
C VAL D 30 17.90 26.63 14.58
N GLY D 31 16.74 27.09 15.07
CA GLY D 31 16.45 28.51 15.19
C GLY D 31 15.70 29.11 14.02
N GLN D 32 15.48 28.32 12.97
CA GLN D 32 14.74 28.81 11.80
C GLN D 32 13.46 28.00 11.60
N ASN D 33 12.51 28.58 10.88
CA ASN D 33 11.23 27.92 10.60
C ASN D 33 11.05 27.52 9.14
N LEU D 34 10.54 26.32 8.94
CA LEU D 34 9.95 25.88 7.69
C LEU D 34 8.51 26.34 7.69
N VAL D 35 8.04 26.90 6.58
CA VAL D 35 6.66 27.37 6.47
C VAL D 35 5.95 26.54 5.39
N VAL D 36 4.82 25.94 5.77
CA VAL D 36 3.95 25.25 4.82
C VAL D 36 2.58 25.91 4.85
N ASP D 37 2.25 26.67 3.82
CA ASP D 37 0.97 27.40 3.78
C ASP D 37 -0.04 26.54 3.03
N LEU D 38 -0.91 25.84 3.76
CA LEU D 38 -1.86 24.93 3.13
C LEU D 38 -3.00 25.67 2.45
N SER D 39 -3.09 26.98 2.66
CA SER D 39 -4.06 27.79 1.90
C SER D 39 -3.69 27.80 0.42
N THR D 40 -2.48 27.37 0.06
CA THR D 40 -2.13 27.18 -1.36
C THR D 40 -2.43 25.79 -1.88
N GLN D 41 -2.96 24.94 -1.02
CA GLN D 41 -3.15 23.54 -1.36
C GLN D 41 -4.58 23.03 -1.20
N ILE D 42 -5.38 23.69 -0.36
CA ILE D 42 -6.70 23.17 0.01
C ILE D 42 -7.74 24.29 -0.12
N PHE D 43 -8.81 24.01 -0.88
CA PHE D 43 -9.82 25.02 -1.21
C PHE D 43 -11.19 24.38 -1.01
N CYS D 44 -12.14 25.15 -0.47
CA CYS D 44 -13.45 24.60 -0.15
CA CYS D 44 -13.46 24.61 -0.15
C CYS D 44 -14.55 25.63 -0.42
N HIS D 45 -15.75 25.14 -0.63
CA HIS D 45 -16.91 26.02 -0.84
C HIS D 45 -18.16 25.41 -0.25
N ASN D 46 -19.14 26.29 -0.04
CA ASN D 46 -20.48 25.96 0.42
C ASN D 46 -21.31 25.75 -0.84
N ASP D 47 -22.03 24.64 -0.91
CA ASP D 47 -22.80 24.28 -2.09
C ASP D 47 -24.19 24.96 -2.17
N TYR D 48 -24.69 25.49 -1.04
N TYR D 48 -24.69 25.51 -1.07
CA TYR D 48 -26.02 26.12 -0.99
CA TYR D 48 -26.02 26.10 -1.07
C TYR D 48 -26.03 27.31 -0.06
C TYR D 48 -26.05 27.29 -0.11
N PRO D 49 -25.24 28.32 -0.38
CA PRO D 49 -25.05 29.45 0.53
C PRO D 49 -26.30 30.32 0.74
N GLU D 50 -27.25 30.27 -0.19
CA GLU D 50 -28.46 31.06 -0.02
C GLU D 50 -29.35 30.54 1.11
N THR D 51 -29.22 29.27 1.48
CA THR D 51 -30.05 28.69 2.54
C THR D 51 -29.25 28.10 3.72
N ILE D 52 -28.00 27.69 3.50
CA ILE D 52 -27.24 27.00 4.54
C ILE D 52 -25.94 27.76 4.79
N THR D 53 -25.57 27.86 6.07
CA THR D 53 -24.25 28.37 6.45
C THR D 53 -23.41 27.18 6.93
N ASP D 54 -22.21 27.07 6.39
CA ASP D 54 -21.27 26.02 6.77
C ASP D 54 -20.22 26.54 7.75
N TYR D 55 -19.84 25.68 8.69
CA TYR D 55 -18.89 26.02 9.73
C TYR D 55 -17.71 25.05 9.65
N VAL D 56 -16.50 25.58 9.67
CA VAL D 56 -15.32 24.77 9.39
C VAL D 56 -14.25 25.01 10.44
N THR D 57 -13.86 23.95 11.13
CA THR D 57 -12.75 24.05 12.08
C THR D 57 -11.59 23.19 11.66
N LEU D 58 -10.42 23.49 12.21
CA LEU D 58 -9.33 22.52 12.31
C LEU D 58 -9.56 21.73 13.59
N GLN D 59 -10.08 20.52 13.45
CA GLN D 59 -10.36 19.67 14.60
C GLN D 59 -9.08 19.13 15.21
N ARG D 60 -8.12 18.79 14.35
CA ARG D 60 -6.88 18.18 14.80
C ARG D 60 -5.81 18.38 13.75
N GLY D 61 -4.63 18.71 14.24
CA GLY D 61 -3.45 18.74 13.42
C GLY D 61 -2.49 17.80 14.13
N SER D 62 -2.02 16.80 13.41
CA SER D 62 -1.12 15.78 13.92
C SER D 62 0.13 15.75 13.08
N ALA D 63 1.25 15.44 13.72
CA ALA D 63 2.54 15.31 13.03
C ALA D 63 2.95 13.85 12.96
N TYR D 64 3.71 13.53 11.93
CA TYR D 64 4.22 12.19 11.69
C TYR D 64 5.64 12.25 11.18
N GLY D 65 6.29 11.08 11.14
CA GLY D 65 7.61 10.95 10.56
C GLY D 65 8.58 11.93 11.19
N GLY D 66 9.37 12.56 10.34
CA GLY D 66 10.41 13.45 10.80
C GLY D 66 9.89 14.72 11.44
N VAL D 67 8.69 15.14 11.08
CA VAL D 67 8.14 16.33 11.71
C VAL D 67 7.79 16.03 13.17
N LEU D 68 7.16 14.90 13.44
CA LEU D 68 6.85 14.51 14.82
C LEU D 68 8.12 14.31 15.66
N SER D 69 9.16 13.73 15.07
CA SER D 69 10.39 13.44 15.79
CA SER D 69 10.35 13.46 15.85
C SER D 69 11.32 14.64 15.95
N ASN D 70 11.44 15.46 14.90
CA ASN D 70 12.53 16.39 14.81
C ASN D 70 12.17 17.85 14.83
N PHE D 71 10.88 18.17 14.93
CA PHE D 71 10.43 19.57 14.86
C PHE D 71 9.46 19.95 15.95
N SER D 72 9.45 21.26 16.23
CA SER D 72 8.51 21.91 17.13
CA SER D 72 8.53 21.91 17.14
C SER D 72 7.63 22.82 16.31
N GLY D 73 6.33 22.70 16.47
CA GLY D 73 5.41 23.36 15.55
C GLY D 73 4.43 24.35 16.10
N THR D 74 3.99 25.20 15.19
CA THR D 74 2.90 26.12 15.40
C THR D 74 1.98 25.98 14.19
N VAL D 75 0.67 26.07 14.42
CA VAL D 75 -0.30 26.17 13.32
C VAL D 75 -1.06 27.48 13.48
N LYS D 76 -1.15 28.21 12.38
CA LYS D 76 -1.95 29.41 12.31
C LYS D 76 -3.21 29.08 11.53
N TYR D 77 -4.37 29.33 12.14
CA TYR D 77 -5.66 29.09 11.52
C TYR D 77 -6.46 30.39 11.54
N SER D 78 -6.78 30.89 10.35
CA SER D 78 -7.62 32.08 10.23
C SER D 78 -7.17 33.19 11.16
N GLY D 79 -5.88 33.45 11.18
CA GLY D 79 -5.35 34.62 11.86
C GLY D 79 -4.92 34.43 13.31
N SER D 80 -5.05 33.23 13.85
CA SER D 80 -4.67 32.96 15.24
C SER D 80 -3.75 31.74 15.29
N SER D 81 -2.84 31.75 16.26
CA SER D 81 -1.81 30.72 16.39
C SER D 81 -2.06 29.77 17.54
N TYR D 82 -1.69 28.51 17.32
CA TYR D 82 -1.87 27.44 18.28
C TYR D 82 -0.68 26.52 18.18
N PRO D 83 -0.41 25.76 19.25
CA PRO D 83 0.63 24.73 19.12
C PRO D 83 0.23 23.68 18.08
N PHE D 84 1.24 23.12 17.44
CA PHE D 84 1.08 22.03 16.47
C PHE D 84 2.14 20.99 16.78
N PRO D 85 1.75 19.71 16.96
CA PRO D 85 0.40 19.16 16.91
C PRO D 85 -0.54 19.85 17.91
N THR D 86 -1.81 19.79 17.57
CA THR D 86 -2.84 20.55 18.27
C THR D 86 -3.32 19.85 19.53
N THR D 87 -3.88 20.65 20.43
CA THR D 87 -4.46 20.09 21.65
C THR D 87 -5.99 20.23 21.59
N SER D 88 -6.44 21.38 21.11
CA SER D 88 -7.87 21.74 21.10
C SER D 88 -8.37 21.97 19.67
N GLU D 89 -9.69 22.01 19.51
CA GLU D 89 -10.30 22.40 18.25
C GLU D 89 -10.27 23.91 18.13
N THR D 90 -10.03 24.41 16.93
CA THR D 90 -10.03 25.85 16.70
C THR D 90 -11.44 26.40 16.65
N PRO D 91 -11.56 27.74 16.74
CA PRO D 91 -12.83 28.37 16.38
C PRO D 91 -13.21 28.06 14.96
N ARG D 92 -14.47 28.27 14.66
CA ARG D 92 -14.97 28.02 13.31
C ARG D 92 -14.64 29.15 12.35
N VAL D 93 -14.47 28.79 11.08
CA VAL D 93 -14.52 29.73 9.98
C VAL D 93 -15.84 29.51 9.25
N VAL D 94 -16.53 30.60 8.92
CA VAL D 94 -17.80 30.50 8.23
C VAL D 94 -17.54 30.43 6.74
N TYR D 95 -18.16 29.45 6.09
CA TYR D 95 -18.16 29.37 4.64
C TYR D 95 -19.58 29.68 4.16
N ASN D 96 -19.67 30.75 3.38
CA ASN D 96 -20.96 31.30 3.02
C ASN D 96 -20.97 31.70 1.55
N SER D 97 -20.16 31.02 0.74
CA SER D 97 -20.06 31.33 -0.68
C SER D 97 -19.83 30.08 -1.52
N ARG D 98 -20.36 30.08 -2.74
CA ARG D 98 -20.09 28.99 -3.67
C ARG D 98 -18.66 29.14 -4.26
N THR D 99 -18.09 30.32 -4.14
CA THR D 99 -16.72 30.54 -4.59
C THR D 99 -15.74 29.89 -3.61
N ASP D 100 -14.83 29.06 -4.11
CA ASP D 100 -13.85 28.42 -3.24
C ASP D 100 -13.09 29.45 -2.45
N LYS D 101 -12.90 29.14 -1.16
CA LYS D 101 -12.08 29.98 -0.33
C LYS D 101 -10.97 29.07 0.17
N PRO D 102 -9.73 29.55 0.08
CA PRO D 102 -8.63 28.71 0.54
C PRO D 102 -8.82 28.43 2.02
N TRP D 103 -8.46 27.24 2.47
CA TRP D 103 -8.57 26.87 3.87
C TRP D 103 -7.37 27.47 4.60
N PRO D 104 -7.61 28.38 5.54
CA PRO D 104 -6.52 29.26 6.02
C PRO D 104 -5.66 28.64 7.11
N VAL D 105 -4.93 27.60 6.75
CA VAL D 105 -4.06 26.85 7.66
C VAL D 105 -2.62 26.98 7.18
N ALA D 106 -1.70 27.30 8.08
CA ALA D 106 -0.27 27.29 7.80
C ALA D 106 0.46 26.69 8.97
N LEU D 107 1.47 25.89 8.66
CA LEU D 107 2.35 25.29 9.65
C LEU D 107 3.71 25.99 9.68
N TYR D 108 4.22 26.20 10.89
CA TYR D 108 5.54 26.77 11.12
C TYR D 108 6.29 25.75 11.93
N LEU D 109 7.35 25.18 11.35
CA LEU D 109 8.05 24.07 11.94
C LEU D 109 9.52 24.39 12.17
N THR D 110 9.99 24.31 13.39
CA THR D 110 11.40 24.61 13.69
C THR D 110 12.10 23.41 14.30
N PRO D 111 13.37 23.15 13.95
CA PRO D 111 14.00 21.94 14.49
C PRO D 111 14.12 21.88 16.00
N VAL D 112 14.00 20.68 16.56
CA VAL D 112 14.29 20.48 17.97
C VAL D 112 15.79 20.67 18.13
N SER D 113 16.23 20.92 19.36
CA SER D 113 17.61 21.32 19.60
C SER D 113 18.64 20.32 19.11
N SER D 114 18.30 19.04 19.18
CA SER D 114 19.22 17.96 18.82
C SER D 114 19.10 17.46 17.38
N ALA D 115 18.27 18.11 16.56
CA ALA D 115 18.02 17.66 15.19
C ALA D 115 19.29 17.79 14.35
N GLY D 116 19.45 16.91 13.36
CA GLY D 116 20.60 16.98 12.48
C GLY D 116 20.48 15.95 11.37
N GLY D 117 21.03 16.27 10.21
CA GLY D 117 20.99 15.33 9.10
C GLY D 117 19.69 15.45 8.34
N VAL D 118 19.28 14.36 7.67
CA VAL D 118 18.03 14.35 6.93
C VAL D 118 16.89 14.20 7.93
N ALA D 119 16.29 15.32 8.28
CA ALA D 119 15.32 15.40 9.36
C ALA D 119 13.89 15.17 8.87
N ILE D 120 13.65 15.35 7.57
CA ILE D 120 12.40 14.98 6.92
C ILE D 120 12.77 14.30 5.62
N LYS D 121 12.22 13.13 5.36
CA LYS D 121 12.52 12.34 4.18
C LYS D 121 11.44 12.50 3.13
N ALA D 122 11.85 12.61 1.87
CA ALA D 122 10.92 12.58 0.77
C ALA D 122 10.03 11.34 0.88
N GLY D 123 8.74 11.53 0.67
CA GLY D 123 7.80 10.43 0.70
C GLY D 123 7.20 10.15 2.08
N SER D 124 7.75 10.78 3.11
N SER D 124 7.74 10.78 3.10
CA SER D 124 7.20 10.58 4.44
CA SER D 124 7.24 10.56 4.47
C SER D 124 5.89 11.35 4.61
C SER D 124 5.98 11.38 4.74
N LEU D 125 4.94 10.72 5.28
CA LEU D 125 3.81 11.44 5.84
C LEU D 125 4.38 12.34 6.93
N ILE D 126 4.08 13.63 6.85
CA ILE D 126 4.53 14.61 7.85
C ILE D 126 3.43 15.19 8.71
N ALA D 127 2.19 15.16 8.25
CA ALA D 127 1.09 15.74 8.99
C ALA D 127 -0.20 15.18 8.49
N VAL D 128 -1.20 15.17 9.38
CA VAL D 128 -2.57 14.96 8.98
C VAL D 128 -3.38 16.07 9.58
N LEU D 129 -4.11 16.79 8.73
CA LEU D 129 -4.95 17.89 9.18
C LEU D 129 -6.39 17.53 8.96
N ILE D 130 -7.20 17.59 10.03
CA ILE D 130 -8.60 17.21 9.96
C ILE D 130 -9.44 18.46 10.00
N LEU D 131 -10.12 18.68 8.88
CA LEU D 131 -11.09 19.75 8.72
C LEU D 131 -12.44 19.17 9.10
N ARG D 132 -13.12 19.79 10.06
CA ARG D 132 -14.43 19.35 10.48
C ARG D 132 -15.48 20.36 10.02
N GLN D 133 -16.48 19.87 9.30
CA GLN D 133 -17.50 20.70 8.72
C GLN D 133 -18.87 20.33 9.26
N THR D 134 -19.57 21.36 9.76
CA THR D 134 -20.94 21.26 10.23
C THR D 134 -21.71 22.38 9.54
N ASN D 135 -23.00 22.56 9.89
CA ASN D 135 -23.78 23.63 9.29
C ASN D 135 -24.89 24.09 10.24
N ASN D 136 -25.71 25.02 9.79
CA ASN D 136 -26.82 25.53 10.60
C ASN D 136 -28.16 24.96 10.14
N TYR D 137 -28.12 23.83 9.47
CA TYR D 137 -29.32 23.22 8.86
C TYR D 137 -29.70 21.85 9.42
N ASN D 138 -28.75 20.94 9.51
CA ASN D 138 -29.05 19.59 9.96
C ASN D 138 -27.91 19.07 10.83
N SER D 139 -27.80 17.75 10.96
CA SER D 139 -26.85 17.15 11.88
C SER D 139 -25.52 16.80 11.22
N ASP D 140 -25.33 17.19 9.97
CA ASP D 140 -24.09 16.83 9.26
C ASP D 140 -22.86 17.21 10.09
N ASP D 141 -21.92 16.28 10.17
CA ASP D 141 -20.72 16.50 10.96
C ASP D 141 -19.66 15.65 10.26
N PHE D 142 -18.96 16.29 9.31
CA PHE D 142 -18.11 15.57 8.38
C PHE D 142 -16.66 15.94 8.53
N GLN D 143 -15.79 14.96 8.32
CA GLN D 143 -14.36 15.16 8.37
C GLN D 143 -13.74 15.05 6.99
N PHE D 144 -12.94 16.05 6.67
CA PHE D 144 -12.12 16.12 5.47
C PHE D 144 -10.68 15.99 5.94
N VAL D 145 -10.08 14.86 5.61
CA VAL D 145 -8.81 14.44 6.18
C VAL D 145 -7.71 14.65 5.15
N TRP D 146 -6.75 15.50 5.48
CA TRP D 146 -5.72 15.92 4.54
C TRP D 146 -4.40 15.33 5.01
N ASN D 147 -3.91 14.35 4.26
CA ASN D 147 -2.65 13.68 4.55
C ASN D 147 -1.55 14.40 3.81
N ILE D 148 -0.62 14.97 4.56
CA ILE D 148 0.43 15.82 4.00
C ILE D 148 1.74 15.05 3.93
N TYR D 149 2.33 15.02 2.73
CA TYR D 149 3.55 14.30 2.41
C TYR D 149 4.65 15.26 2.01
N ALA D 150 5.87 14.95 2.42
CA ALA D 150 7.03 15.70 1.97
C ALA D 150 7.35 15.31 0.55
N ASN D 151 7.43 16.30 -0.35
CA ASN D 151 7.84 15.99 -1.70
C ASN D 151 9.34 15.80 -1.80
N ASN D 152 10.09 16.27 -0.80
CA ASN D 152 11.55 16.27 -0.84
C ASN D 152 12.16 16.24 0.56
N ASP D 153 13.43 15.86 0.63
CA ASP D 153 14.21 15.84 1.87
C ASP D 153 14.43 17.24 2.45
N VAL D 154 14.49 17.32 3.77
CA VAL D 154 14.92 18.53 4.49
C VAL D 154 16.08 18.19 5.39
N VAL D 155 17.18 18.92 5.24
CA VAL D 155 18.37 18.69 6.03
C VAL D 155 18.54 19.80 7.08
N VAL D 156 18.87 19.39 8.30
CA VAL D 156 19.24 20.29 9.38
C VAL D 156 20.75 20.17 9.54
N PRO D 157 21.48 21.23 9.18
CA PRO D 157 22.93 21.23 9.32
C PRO D 157 23.38 21.08 10.78
N THR D 158 24.63 20.66 10.98
CA THR D 158 25.25 20.74 12.30
C THR D 158 26.73 21.01 12.15
O2 FYZ E . 31.99 1.71 1.30
C2 FYZ E . 32.93 1.11 2.22
C3 FYZ E . 32.60 -0.36 2.42
O3 FYZ E . 31.25 -0.54 2.88
C4 FYZ E . 32.83 -1.13 1.11
O4 FYZ E . 32.61 -2.51 1.32
C5 FYZ E . 34.25 -0.85 0.56
O5 FYZ E . 34.47 0.55 0.43
C6 FYZ E . 34.45 -1.49 -0.80
O6 FYZ E . 33.55 -0.97 -1.78
C1 FYZ E . 34.32 1.32 1.64
O1 FYZ E . 35.24 0.86 2.62
C7 FYZ E . 36.57 1.34 2.32
C8 FYZ E . 37.63 0.39 2.68
C9 FYZ E . 38.49 -0.37 2.99
C10 FYZ E . 39.39 -1.22 3.37
C11 FYZ E . 39.44 -1.56 4.74
C12 FYZ E . 40.38 -2.49 5.19
C13 FYZ E . 41.25 -3.08 4.30
C14 FYZ E . 41.22 -2.73 2.94
C15 FYZ E . 40.28 -1.81 2.47
C16 FYZ E . 42.27 -4.04 4.85
C21 FYZ E . 42.43 -4.12 6.24
C20 FYZ E . 43.39 -4.99 6.77
C19 FYZ E . 44.17 -5.76 5.90
C18 FYZ E . 44.02 -5.67 4.52
C17 FYZ E . 43.07 -4.79 3.99
S SO4 F . 6.83 -8.32 -18.61
O1 SO4 F . 5.78 -9.27 -19.00
O2 SO4 F . 6.52 -7.70 -17.33
O3 SO4 F . 8.10 -9.01 -18.52
O4 SO4 F . 6.90 -7.29 -19.67
S SO4 G . 21.16 11.91 -15.12
O1 SO4 G . 21.64 12.64 -16.30
O2 SO4 G . 20.83 10.57 -15.60
O3 SO4 G . 22.21 11.91 -14.11
O4 SO4 G . 19.95 12.65 -14.75
S SO4 H . 20.81 -13.93 -1.34
O1 SO4 H . 20.78 -12.61 -0.71
O2 SO4 H . 21.73 -14.80 -0.61
O3 SO4 H . 19.47 -14.49 -1.42
O4 SO4 H . 21.31 -13.71 -2.69
O2 FYZ I . 22.45 -8.19 25.56
C2 FYZ I . 23.26 -8.77 26.60
C3 FYZ I . 22.88 -10.23 26.77
O3 FYZ I . 21.48 -10.34 27.02
C4 FYZ I . 23.20 -11.02 25.50
O4 FYZ I . 22.92 -12.41 25.73
C5 FYZ I . 24.67 -10.81 25.13
O5 FYZ I . 24.97 -9.40 25.03
C6 FYZ I . 25.06 -11.50 23.82
O6 FYZ I . 24.31 -10.90 22.75
C1 FYZ I . 24.70 -8.61 26.19
O1 FYZ I . 25.49 -9.13 27.28
C7 FYZ I . 26.85 -8.61 27.20
C8 FYZ I . 27.90 -9.53 27.68
C9 FYZ I . 28.73 -10.26 28.07
C10 FYZ I . 29.65 -11.07 28.48
C11 FYZ I . 29.61 -11.55 29.78
C12 FYZ I . 30.59 -12.43 30.23
C13 FYZ I . 31.62 -12.80 29.39
C14 FYZ I . 31.67 -12.31 28.08
C15 FYZ I . 30.69 -11.44 27.64
C16 FYZ I . 32.68 -13.73 29.87
C21 FYZ I . 33.02 -13.76 31.22
C20 FYZ I . 34.01 -14.62 31.67
C19 FYZ I . 34.66 -15.47 30.77
C18 FYZ I . 34.32 -15.43 29.42
C17 FYZ I . 33.34 -14.57 28.97
O2 FYZ J . -38.56 -19.63 -14.72
C2 FYZ J . -39.96 -19.61 -14.31
C3 FYZ J . -40.16 -18.75 -13.08
O3 FYZ J . -39.26 -19.19 -12.04
C4 FYZ J . -39.83 -17.31 -13.45
O4 FYZ J . -40.07 -16.46 -12.33
C5 FYZ J . -40.66 -16.88 -14.67
O5 FYZ J . -40.44 -17.75 -15.80
C6 FYZ J . -40.33 -15.47 -15.13
O6 FYZ J . -38.96 -15.41 -15.59
C1 FYZ J . -40.74 -19.12 -15.51
O1 FYZ J . -42.15 -19.24 -15.22
C7 FYZ J . -42.95 -19.10 -16.40
C8 FYZ J . -44.26 -18.50 -16.14
C9 FYZ J . -45.32 -18.02 -15.94
C10 FYZ J . -46.47 -17.49 -15.72
C11 FYZ J . -47.29 -18.01 -14.73
C12 FYZ J . -48.53 -17.44 -14.48
C13 FYZ J . -48.96 -16.35 -15.23
C14 FYZ J . -48.14 -15.83 -16.23
C15 FYZ J . -46.90 -16.40 -16.47
C16 FYZ J . -50.29 -15.74 -14.98
C21 FYZ J . -51.31 -16.51 -14.42
C20 FYZ J . -52.56 -15.94 -14.18
C19 FYZ J . -52.79 -14.61 -14.50
C18 FYZ J . -51.76 -13.84 -15.04
C17 FYZ J . -50.52 -14.40 -15.28
O2 FYZ K . -22.24 19.05 2.30
C2 FYZ K . -23.66 19.03 2.54
C3 FYZ K . -23.94 19.83 3.79
O3 FYZ K . -23.22 19.32 4.93
C4 FYZ K . -23.60 21.29 3.57
O4 FYZ K . -24.01 22.05 4.72
C5 FYZ K . -24.34 21.82 2.32
O5 FYZ K . -24.03 21.00 1.18
C6 FYZ K . -23.98 23.26 2.01
O6 FYZ K . -22.60 23.35 1.62
C1 FYZ K . -24.33 19.62 1.32
O1 FYZ K . -25.74 19.40 1.51
C7 FYZ K . -26.49 19.65 0.35
C8 FYZ K . -27.78 20.25 0.68
C9 FYZ K . -28.83 20.73 0.95
C10 FYZ K . -29.96 21.27 1.24
C11 FYZ K . -30.95 20.49 1.83
C12 FYZ K . -32.18 21.06 2.14
C13 FYZ K . -32.41 22.41 1.87
C14 FYZ K . -31.42 23.18 1.30
C15 FYZ K . -30.19 22.60 0.98
C16 FYZ K . -33.73 23.02 2.22
C21 FYZ K . -34.65 22.31 2.98
C20 FYZ K . -35.87 22.88 3.30
C19 FYZ K . -36.18 24.16 2.85
C18 FYZ K . -35.26 24.87 2.10
C17 FYZ K . -34.03 24.30 1.78
#